data_4XR9
#
_entry.id   4XR9
#
_cell.length_a   70.682
_cell.length_b   87.040
_cell.length_c   70.660
_cell.angle_alpha   90.00
_cell.angle_beta   103.59
_cell.angle_gamma   90.00
#
_symmetry.space_group_name_H-M   'P 1 21 1'
#
loop_
_entity.id
_entity.type
_entity.pdbx_description
1 polymer CalS8
2 non-polymer NICOTINAMIDE-ADENINE-DINUCLEOTIDE
3 non-polymer 'SODIUM ION'
4 non-polymer "THYMIDINE-5'-PHOSPHATE"
5 non-polymer GLYCEROL
6 water water
#
_entity_poly.entity_id   1
_entity_poly.type   'polypeptide(L)'
_entity_poly.pdbx_seq_one_letter_code
;SNAMPFLPDPGEPSPLKVVIAGAGYVGTCLAVTLAGRGAEVVAVDSDPGTVADLRAGRCRLPEPGLAGAVRDLAATGRLT
ASTSYDPVGAADVVIVTVGTPTDAGHEMVTDQLVAACEQIAPRLRAGQLVILKSTVSPGTTRTLVAPLLESGGLVHERDF
GLAFCPERLAEGVALAQVRTLPVVVGGCGPRSAAAAERFWRSALGVDVRQVPSAESAEVVKLATNWWIDANVAIANELAR
YCAVLGVDVLDVIGAANTLPKGSSMVNLLLPGVGVGGSCLTKDPWMAWRDGRDRGVSLRTVETARAVNDDMPRHTAAVIA
DELVKLGRDRNDTTIAVLGAAFKNDTGDVRNTPVRGVVAALRDSGFRVRIFDPLADPAEIVARFGTAPAASLDEAVSGAG
CLAFLAGHRQFHELDFGALAERVDEPCLVFDGRMHLPPARIRELHRFGFAYRGIGR
;
_entity_poly.pdbx_strand_id   A,B
#
# COMPACT_ATOMS: atom_id res chain seq x y z
N SER A 1 2.44 46.81 -22.24
CA SER A 1 1.64 46.26 -21.14
C SER A 1 2.44 45.24 -20.34
N ASN A 2 2.05 45.03 -19.06
CA ASN A 2 2.71 44.11 -18.12
C ASN A 2 2.66 42.66 -18.60
N ALA A 3 3.57 41.83 -18.05
CA ALA A 3 3.48 40.39 -18.23
C ALA A 3 2.10 40.01 -17.68
N MET A 4 1.35 39.22 -18.47
N MET A 4 1.37 39.22 -18.44
CA MET A 4 -0.05 38.86 -18.21
CA MET A 4 -0.03 38.89 -18.20
C MET A 4 -0.24 37.63 -17.32
C MET A 4 -0.25 37.62 -17.34
N PRO A 5 -1.28 37.62 -16.45
CA PRO A 5 -1.65 36.39 -15.72
C PRO A 5 -2.38 35.47 -16.73
N PHE A 6 -2.36 34.15 -16.54
CA PHE A 6 -2.96 33.29 -17.55
C PHE A 6 -4.40 32.89 -17.20
N LEU A 7 -5.05 33.68 -16.35
CA LEU A 7 -6.44 33.46 -15.94
C LEU A 7 -7.08 34.79 -15.56
N PRO A 8 -8.31 35.10 -16.05
CA PRO A 8 -8.94 36.37 -15.66
C PRO A 8 -9.25 36.40 -14.16
N ASP A 9 -9.30 37.60 -13.57
CA ASP A 9 -9.61 37.76 -12.14
C ASP A 9 -11.03 37.23 -11.86
N PRO A 10 -11.22 36.25 -10.93
CA PRO A 10 -12.57 35.70 -10.71
C PRO A 10 -13.56 36.73 -10.12
N GLY A 11 -13.13 38.00 -10.05
CA GLY A 11 -13.95 39.12 -9.59
C GLY A 11 -14.64 39.84 -10.73
N GLU A 12 -14.36 39.44 -12.00
CA GLU A 12 -14.99 40.02 -13.19
C GLU A 12 -16.45 39.56 -13.28
N PRO A 13 -17.39 40.42 -13.72
CA PRO A 13 -18.81 39.99 -13.74
C PRO A 13 -19.14 38.88 -14.75
N SER A 14 -18.41 38.81 -15.88
CA SER A 14 -18.68 37.82 -16.92
C SER A 14 -18.28 36.40 -16.49
N PRO A 15 -19.11 35.37 -16.82
CA PRO A 15 -18.73 33.99 -16.43
C PRO A 15 -17.47 33.52 -17.14
N LEU A 16 -16.72 32.61 -16.49
CA LEU A 16 -15.52 32.01 -17.07
C LEU A 16 -15.90 31.16 -18.29
N LYS A 17 -15.15 31.29 -19.39
CA LYS A 17 -15.38 30.51 -20.61
C LYS A 17 -14.38 29.33 -20.70
N VAL A 18 -14.90 28.11 -20.68
CA VAL A 18 -14.07 26.89 -20.74
C VAL A 18 -14.41 26.09 -22.00
N VAL A 19 -13.38 25.53 -22.65
CA VAL A 19 -13.53 24.58 -23.76
C VAL A 19 -12.94 23.25 -23.32
N ILE A 20 -13.72 22.18 -23.43
CA ILE A 20 -13.24 20.85 -23.07
C ILE A 20 -13.12 20.03 -24.34
N ALA A 21 -11.90 19.62 -24.71
CA ALA A 21 -11.66 18.81 -25.91
C ALA A 21 -11.67 17.34 -25.53
N GLY A 22 -12.70 16.61 -25.97
CA GLY A 22 -12.88 15.20 -25.64
C GLY A 22 -14.01 15.05 -24.64
N ALA A 23 -15.23 14.82 -25.15
CA ALA A 23 -16.44 14.73 -24.32
C ALA A 23 -16.78 13.30 -24.01
N GLY A 24 -15.79 12.56 -23.54
CA GLY A 24 -16.00 11.21 -23.07
C GLY A 24 -16.43 11.28 -21.62
N TYR A 25 -16.11 10.25 -20.88
CA TYR A 25 -16.43 10.12 -19.47
C TYR A 25 -15.85 11.28 -18.62
N VAL A 26 -14.52 11.44 -18.63
CA VAL A 26 -13.82 12.47 -17.85
C VAL A 26 -14.28 13.88 -18.28
N GLY A 27 -14.33 14.12 -19.59
CA GLY A 27 -14.71 15.42 -20.15
C GLY A 27 -16.11 15.84 -19.75
N THR A 28 -17.07 14.90 -19.79
CA THR A 28 -18.46 15.22 -19.46
C THR A 28 -18.61 15.47 -17.97
N CYS A 29 -17.94 14.66 -17.11
CA CYS A 29 -18.00 14.87 -15.65
C CYS A 29 -17.48 16.27 -15.33
N LEU A 30 -16.36 16.68 -15.94
CA LEU A 30 -15.79 18.02 -15.75
C LEU A 30 -16.74 19.11 -16.21
N ALA A 31 -17.27 18.96 -17.44
CA ALA A 31 -18.17 19.94 -18.08
C ALA A 31 -19.37 20.26 -17.23
N VAL A 32 -20.04 19.23 -16.69
CA VAL A 32 -21.25 19.46 -15.89
C VAL A 32 -20.90 20.07 -14.52
N THR A 33 -19.74 19.71 -13.96
CA THR A 33 -19.32 20.25 -12.67
C THR A 33 -18.94 21.74 -12.81
N LEU A 34 -18.18 22.07 -13.85
CA LEU A 34 -17.76 23.46 -14.10
C LEU A 34 -18.97 24.34 -14.44
N ALA A 35 -19.86 23.87 -15.34
CA ALA A 35 -21.08 24.60 -15.75
C ALA A 35 -22.07 24.71 -14.59
N GLY A 36 -22.12 23.69 -13.73
CA GLY A 36 -22.99 23.68 -12.56
C GLY A 36 -22.60 24.70 -11.52
N ARG A 37 -21.32 25.13 -11.54
CA ARG A 37 -20.79 26.14 -10.62
C ARG A 37 -20.74 27.56 -11.26
N GLY A 38 -21.32 27.70 -12.46
CA GLY A 38 -21.42 29.00 -13.11
C GLY A 38 -20.62 29.23 -14.38
N ALA A 39 -19.63 28.39 -14.69
CA ALA A 39 -18.83 28.59 -15.90
C ALA A 39 -19.64 28.31 -17.17
N GLU A 40 -19.24 28.91 -18.30
CA GLU A 40 -19.84 28.62 -19.60
C GLU A 40 -18.92 27.64 -20.30
N VAL A 41 -19.42 26.44 -20.57
CA VAL A 41 -18.60 25.36 -21.09
C VAL A 41 -19.06 24.91 -22.49
N VAL A 42 -18.10 24.72 -23.39
CA VAL A 42 -18.35 24.14 -24.69
C VAL A 42 -17.59 22.81 -24.75
N ALA A 43 -18.32 21.70 -24.98
CA ALA A 43 -17.69 20.39 -25.13
C ALA A 43 -17.41 20.17 -26.60
N VAL A 44 -16.14 19.95 -26.94
CA VAL A 44 -15.72 19.74 -28.32
C VAL A 44 -15.35 18.27 -28.48
N ASP A 45 -16.05 17.57 -29.39
CA ASP A 45 -15.80 16.14 -29.58
C ASP A 45 -15.83 15.79 -31.06
N SER A 46 -14.98 14.83 -31.47
CA SER A 46 -14.91 14.37 -32.87
C SER A 46 -16.11 13.46 -33.25
N ASP A 47 -16.84 12.95 -32.25
CA ASP A 47 -18.00 12.08 -32.51
C ASP A 47 -19.26 12.95 -32.64
N PRO A 48 -19.87 13.01 -33.86
CA PRO A 48 -21.06 13.86 -34.05
C PRO A 48 -22.26 13.45 -33.20
N GLY A 49 -22.36 12.15 -32.88
CA GLY A 49 -23.43 11.63 -32.01
C GLY A 49 -23.34 12.13 -30.59
N THR A 50 -22.11 12.20 -30.04
CA THR A 50 -21.86 12.76 -28.70
C THR A 50 -22.22 14.26 -28.69
N VAL A 51 -21.83 14.99 -29.73
CA VAL A 51 -22.11 16.44 -29.84
C VAL A 51 -23.63 16.67 -29.94
N ALA A 52 -24.31 15.89 -30.80
CA ALA A 52 -25.77 15.99 -30.94
C ALA A 52 -26.46 15.70 -29.59
N ASP A 53 -26.00 14.67 -28.86
CA ASP A 53 -26.56 14.31 -27.56
C ASP A 53 -26.41 15.46 -26.55
N LEU A 54 -25.17 15.97 -26.37
CA LEU A 54 -24.93 17.04 -25.40
C LEU A 54 -25.78 18.28 -25.71
N ARG A 55 -25.92 18.64 -27.00
CA ARG A 55 -26.75 19.78 -27.43
C ARG A 55 -28.23 19.59 -27.00
N ALA A 56 -28.75 18.35 -27.09
CA ALA A 56 -30.15 18.03 -26.77
C ALA A 56 -30.35 17.73 -25.29
N GLY A 57 -29.29 17.76 -24.50
CA GLY A 57 -29.35 17.47 -23.07
C GLY A 57 -29.40 15.99 -22.79
N ARG A 58 -28.88 15.17 -23.72
CA ARG A 58 -28.83 13.72 -23.59
C ARG A 58 -27.42 13.28 -23.28
N CYS A 59 -27.28 12.11 -22.63
CA CYS A 59 -25.98 11.52 -22.37
C CYS A 59 -26.13 10.01 -22.27
N ARG A 60 -25.36 9.26 -23.09
CA ARG A 60 -25.44 7.80 -23.10
C ARG A 60 -24.55 7.17 -22.04
N LEU A 61 -23.65 7.96 -21.42
CA LEU A 61 -22.77 7.45 -20.38
C LEU A 61 -23.60 7.01 -19.15
N PRO A 62 -23.43 5.76 -18.69
CA PRO A 62 -24.27 5.25 -17.61
C PRO A 62 -24.01 5.87 -16.23
N GLU A 63 -22.83 6.54 -16.06
CA GLU A 63 -22.39 7.16 -14.81
C GLU A 63 -23.54 7.78 -14.01
N PRO A 64 -23.75 7.36 -12.73
CA PRO A 64 -24.89 7.88 -11.96
C PRO A 64 -24.93 9.40 -11.82
N GLY A 65 -26.08 9.96 -12.17
CA GLY A 65 -26.33 11.41 -12.10
C GLY A 65 -25.78 12.22 -13.27
N LEU A 66 -25.00 11.58 -14.17
CA LEU A 66 -24.38 12.29 -15.29
C LEU A 66 -25.40 12.76 -16.34
N ALA A 67 -26.31 11.87 -16.78
CA ALA A 67 -27.33 12.21 -17.76
C ALA A 67 -28.26 13.34 -17.24
N GLY A 68 -28.64 13.27 -15.96
CA GLY A 68 -29.46 14.29 -15.31
C GLY A 68 -28.80 15.65 -15.25
N ALA A 69 -27.50 15.69 -14.87
CA ALA A 69 -26.73 16.93 -14.82
C ALA A 69 -26.60 17.57 -16.22
N VAL A 70 -26.38 16.73 -17.27
CA VAL A 70 -26.29 17.19 -18.67
C VAL A 70 -27.63 17.85 -19.09
N ARG A 71 -28.76 17.18 -18.79
CA ARG A 71 -30.09 17.66 -19.13
C ARG A 71 -30.37 19.05 -18.49
N ASP A 72 -30.12 19.18 -17.16
CA ASP A 72 -30.29 20.43 -16.43
C ASP A 72 -29.47 21.59 -17.00
N LEU A 73 -28.17 21.35 -17.28
CA LEU A 73 -27.27 22.42 -17.73
C LEU A 73 -27.41 22.77 -19.20
N ALA A 74 -27.85 21.83 -20.06
CA ALA A 74 -28.11 22.15 -21.47
C ALA A 74 -29.28 23.14 -21.56
N ALA A 75 -30.26 23.00 -20.64
CA ALA A 75 -31.43 23.89 -20.54
C ALA A 75 -31.02 25.31 -20.09
N THR A 76 -29.95 25.44 -19.26
CA THR A 76 -29.47 26.76 -18.77
C THR A 76 -28.72 27.51 -19.88
N GLY A 77 -28.23 26.77 -20.88
CA GLY A 77 -27.45 27.33 -21.98
C GLY A 77 -25.97 27.48 -21.64
N ARG A 78 -25.57 27.14 -20.39
CA ARG A 78 -24.18 27.25 -19.96
C ARG A 78 -23.35 26.12 -20.52
N LEU A 79 -23.97 24.95 -20.78
CA LEU A 79 -23.26 23.84 -21.38
C LEU A 79 -23.70 23.66 -22.81
N THR A 80 -22.75 23.82 -23.74
CA THR A 80 -23.01 23.60 -25.16
C THR A 80 -21.96 22.63 -25.72
N ALA A 81 -22.11 22.24 -26.99
CA ALA A 81 -21.22 21.30 -27.64
C ALA A 81 -20.98 21.68 -29.09
N SER A 82 -19.89 21.17 -29.67
CA SER A 82 -19.48 21.45 -31.03
C SER A 82 -18.54 20.37 -31.57
N THR A 83 -18.63 20.08 -32.88
CA THR A 83 -17.66 19.21 -33.53
C THR A 83 -16.45 20.09 -33.95
N SER A 84 -16.68 21.40 -34.08
CA SER A 84 -15.67 22.37 -34.48
C SER A 84 -14.93 22.93 -33.27
N TYR A 85 -13.66 23.29 -33.47
CA TYR A 85 -12.81 23.87 -32.43
C TYR A 85 -12.86 25.42 -32.44
N ASP A 86 -13.77 26.03 -33.22
CA ASP A 86 -13.89 27.49 -33.29
C ASP A 86 -14.15 28.18 -31.90
N PRO A 87 -14.77 27.51 -30.86
CA PRO A 87 -14.95 28.19 -29.57
C PRO A 87 -13.64 28.44 -28.78
N VAL A 88 -12.53 27.80 -29.21
CA VAL A 88 -11.22 27.92 -28.54
C VAL A 88 -10.80 29.40 -28.42
N GLY A 89 -10.89 30.15 -29.52
CA GLY A 89 -10.51 31.56 -29.55
C GLY A 89 -11.14 32.43 -28.47
N ALA A 90 -12.40 32.12 -28.10
CA ALA A 90 -13.17 32.90 -27.12
C ALA A 90 -12.99 32.42 -25.68
N ALA A 91 -12.40 31.23 -25.50
CA ALA A 91 -12.26 30.63 -24.19
C ALA A 91 -11.15 31.26 -23.35
N ASP A 92 -11.28 31.12 -22.02
CA ASP A 92 -10.25 31.48 -21.07
C ASP A 92 -9.38 30.27 -20.82
N VAL A 93 -10.02 29.08 -20.71
CA VAL A 93 -9.35 27.81 -20.38
C VAL A 93 -9.70 26.71 -21.38
N VAL A 94 -8.69 25.95 -21.81
CA VAL A 94 -8.86 24.83 -22.72
C VAL A 94 -8.39 23.55 -21.98
N ILE A 95 -9.30 22.60 -21.77
CA ILE A 95 -8.98 21.33 -21.10
C ILE A 95 -8.99 20.19 -22.10
N VAL A 96 -7.89 19.42 -22.15
CA VAL A 96 -7.76 18.31 -23.10
C VAL A 96 -7.98 16.99 -22.39
N THR A 97 -9.04 16.26 -22.78
CA THR A 97 -9.38 14.97 -22.15
C THR A 97 -9.61 13.90 -23.22
N VAL A 98 -8.92 13.99 -24.36
CA VAL A 98 -9.10 13.01 -25.46
C VAL A 98 -8.49 11.63 -25.06
N GLY A 99 -8.89 10.58 -25.78
CA GLY A 99 -8.39 9.23 -25.52
C GLY A 99 -6.90 9.09 -25.81
N THR A 100 -6.19 8.32 -24.98
CA THR A 100 -4.77 8.04 -25.19
C THR A 100 -4.57 6.54 -25.07
N PRO A 101 -5.16 5.71 -25.97
CA PRO A 101 -4.97 4.25 -25.84
C PRO A 101 -3.53 3.86 -26.15
N THR A 102 -3.15 2.69 -25.68
CA THR A 102 -1.83 2.14 -25.96
C THR A 102 -1.95 1.01 -26.98
N ASP A 103 -0.87 0.76 -27.73
CA ASP A 103 -0.84 -0.32 -28.72
C ASP A 103 -0.42 -1.63 -28.04
N ALA A 104 -0.28 -2.72 -28.79
CA ALA A 104 0.10 -4.03 -28.26
C ALA A 104 1.48 -4.03 -27.54
N GLY A 105 2.33 -3.06 -27.86
CA GLY A 105 3.65 -2.91 -27.24
C GLY A 105 3.63 -1.95 -26.05
N HIS A 106 2.40 -1.47 -25.68
CA HIS A 106 2.18 -0.59 -24.51
C HIS A 106 2.74 0.82 -24.73
N GLU A 107 2.91 1.19 -25.99
CA GLU A 107 3.30 2.52 -26.38
C GLU A 107 2.01 3.29 -26.63
N MET A 108 1.96 4.51 -26.16
CA MET A 108 0.81 5.37 -26.31
C MET A 108 0.54 5.67 -27.82
N VAL A 109 -0.74 5.58 -28.24
CA VAL A 109 -1.15 5.96 -29.61
C VAL A 109 -1.54 7.44 -29.52
N THR A 110 -0.69 8.32 -30.08
CA THR A 110 -0.84 9.78 -29.97
C THR A 110 -1.85 10.41 -30.98
N ASP A 111 -2.45 9.61 -31.89
CA ASP A 111 -3.35 10.07 -32.96
C ASP A 111 -4.40 11.10 -32.48
N GLN A 112 -5.24 10.74 -31.49
CA GLN A 112 -6.30 11.64 -31.00
C GLN A 112 -5.72 12.90 -30.35
N LEU A 113 -4.67 12.75 -29.53
CA LEU A 113 -4.04 13.87 -28.85
C LEU A 113 -3.41 14.87 -29.84
N VAL A 114 -2.69 14.36 -30.87
CA VAL A 114 -2.06 15.20 -31.92
C VAL A 114 -3.15 15.93 -32.72
N ALA A 115 -4.25 15.21 -33.10
CA ALA A 115 -5.35 15.79 -33.87
C ALA A 115 -6.02 16.93 -33.09
N ALA A 116 -6.20 16.74 -31.78
CA ALA A 116 -6.78 17.76 -30.89
C ALA A 116 -5.87 19.00 -30.83
N CYS A 117 -4.57 18.79 -30.50
CA CYS A 117 -3.57 19.87 -30.40
C CYS A 117 -3.43 20.66 -31.69
N GLU A 118 -3.52 19.98 -32.85
CA GLU A 118 -3.36 20.63 -34.16
C GLU A 118 -4.54 21.54 -34.45
N GLN A 119 -5.74 21.20 -33.94
CA GLN A 119 -6.93 22.03 -34.12
C GLN A 119 -6.92 23.21 -33.13
N ILE A 120 -6.38 22.99 -31.91
CA ILE A 120 -6.30 24.02 -30.86
C ILE A 120 -5.22 25.08 -31.18
N ALA A 121 -4.01 24.62 -31.57
CA ALA A 121 -2.81 25.43 -31.80
C ALA A 121 -3.03 26.78 -32.55
N PRO A 122 -3.66 26.83 -33.74
CA PRO A 122 -3.77 28.13 -34.43
C PRO A 122 -4.87 29.04 -33.86
N ARG A 123 -5.77 28.50 -33.03
CA ARG A 123 -6.88 29.30 -32.45
C ARG A 123 -6.50 29.89 -31.10
N LEU A 124 -5.38 29.41 -30.51
CA LEU A 124 -4.84 29.91 -29.25
C LEU A 124 -4.44 31.37 -29.33
N ARG A 125 -4.66 32.12 -28.24
CA ARG A 125 -4.24 33.51 -28.14
C ARG A 125 -3.49 33.70 -26.81
N ALA A 126 -2.69 34.77 -26.71
CA ALA A 126 -1.88 35.03 -25.52
C ALA A 126 -2.75 35.21 -24.27
N GLY A 127 -2.30 34.67 -23.16
CA GLY A 127 -2.99 34.80 -21.90
C GLY A 127 -3.91 33.65 -21.54
N GLN A 128 -4.18 32.73 -22.48
CA GLN A 128 -5.04 31.56 -22.22
C GLN A 128 -4.32 30.52 -21.38
N LEU A 129 -5.09 29.59 -20.81
CA LEU A 129 -4.56 28.48 -20.04
C LEU A 129 -4.99 27.17 -20.68
N VAL A 130 -4.02 26.28 -20.92
CA VAL A 130 -4.26 24.96 -21.49
C VAL A 130 -3.92 23.90 -20.44
N ILE A 131 -4.88 23.05 -20.12
CA ILE A 131 -4.68 21.96 -19.16
C ILE A 131 -4.84 20.63 -19.88
N LEU A 132 -3.80 19.78 -19.81
CA LEU A 132 -3.89 18.40 -20.31
C LEU A 132 -4.27 17.47 -19.13
N LYS A 133 -5.32 16.67 -19.30
CA LYS A 133 -5.77 15.75 -18.25
C LYS A 133 -5.69 14.27 -18.68
N SER A 134 -5.56 13.99 -19.98
CA SER A 134 -5.44 12.61 -20.49
C SER A 134 -4.19 11.94 -19.94
N THR A 135 -4.29 10.64 -19.59
CA THR A 135 -3.15 9.87 -19.08
C THR A 135 -2.14 9.70 -20.18
N VAL A 136 -0.89 10.13 -19.93
CA VAL A 136 0.18 10.08 -20.93
C VAL A 136 1.49 9.56 -20.32
N SER A 137 2.43 9.14 -21.18
CA SER A 137 3.76 8.74 -20.71
C SER A 137 4.53 10.02 -20.29
N PRO A 138 5.36 9.96 -19.21
CA PRO A 138 6.07 11.19 -18.77
C PRO A 138 6.82 11.91 -19.89
N GLY A 139 6.72 13.24 -19.90
CA GLY A 139 7.37 14.05 -20.92
C GLY A 139 6.50 14.37 -22.11
N THR A 140 5.29 13.81 -22.18
CA THR A 140 4.37 14.07 -23.29
C THR A 140 3.97 15.54 -23.31
N THR A 141 3.55 16.10 -22.16
CA THR A 141 3.09 17.49 -22.11
C THR A 141 4.14 18.46 -22.68
N ARG A 142 5.40 18.34 -22.25
CA ARG A 142 6.46 19.27 -22.65
C ARG A 142 7.09 18.95 -24.00
N THR A 143 7.26 17.67 -24.36
CA THR A 143 7.99 17.36 -25.60
C THR A 143 7.05 17.08 -26.80
N LEU A 144 5.77 16.76 -26.55
CA LEU A 144 4.86 16.50 -27.67
C LEU A 144 3.80 17.60 -27.81
N VAL A 145 3.04 17.85 -26.73
CA VAL A 145 1.93 18.78 -26.72
C VAL A 145 2.40 20.24 -26.88
N ALA A 146 3.38 20.70 -26.06
CA ALA A 146 3.90 22.09 -26.11
C ALA A 146 4.38 22.49 -27.52
N PRO A 147 5.27 21.72 -28.23
CA PRO A 147 5.69 22.14 -29.57
C PRO A 147 4.52 22.20 -30.56
N LEU A 148 3.48 21.32 -30.40
CA LEU A 148 2.32 21.36 -31.28
C LEU A 148 1.49 22.62 -31.03
N LEU A 149 1.35 23.02 -29.74
CA LEU A 149 0.58 24.23 -29.40
C LEU A 149 1.32 25.51 -29.79
N GLU A 150 2.65 25.44 -29.97
CA GLU A 150 3.49 26.60 -30.30
C GLU A 150 3.54 26.88 -31.83
N SER A 151 2.97 25.98 -32.66
CA SER A 151 3.02 26.14 -34.13
C SER A 151 2.37 27.47 -34.64
N GLY A 152 1.52 28.10 -33.81
CA GLY A 152 0.86 29.36 -34.15
C GLY A 152 1.67 30.61 -33.86
N GLY A 153 2.80 30.46 -33.17
CA GLY A 153 3.68 31.59 -32.86
C GLY A 153 3.82 31.91 -31.38
N LEU A 154 2.93 31.33 -30.54
CA LEU A 154 2.98 31.54 -29.09
C LEU A 154 4.04 30.65 -28.47
N VAL A 155 4.58 31.05 -27.31
CA VAL A 155 5.61 30.31 -26.58
C VAL A 155 5.01 29.89 -25.22
N HIS A 156 5.00 28.57 -24.92
CA HIS A 156 4.40 28.08 -23.68
C HIS A 156 5.16 28.62 -22.47
N GLU A 157 4.41 28.95 -21.40
CA GLU A 157 4.91 29.52 -20.14
C GLU A 157 5.17 31.04 -20.26
N ARG A 158 5.65 31.50 -21.41
CA ARG A 158 5.88 32.93 -21.61
C ARG A 158 4.59 33.62 -22.08
N ASP A 159 3.84 32.98 -23.02
CA ASP A 159 2.66 33.60 -23.68
C ASP A 159 1.33 33.00 -23.25
N PHE A 160 1.34 31.71 -22.91
CA PHE A 160 0.14 31.02 -22.46
C PHE A 160 0.54 29.94 -21.45
N GLY A 161 -0.39 29.55 -20.60
CA GLY A 161 -0.17 28.55 -19.57
C GLY A 161 -0.38 27.14 -20.08
N LEU A 162 0.50 26.23 -19.66
CA LEU A 162 0.38 24.82 -20.01
C LEU A 162 0.67 23.99 -18.78
N ALA A 163 -0.32 23.19 -18.35
CA ALA A 163 -0.14 22.35 -17.18
C ALA A 163 -0.73 20.97 -17.38
N PHE A 164 -0.16 19.99 -16.71
CA PHE A 164 -0.71 18.64 -16.67
C PHE A 164 -1.39 18.44 -15.33
N CYS A 165 -2.68 18.07 -15.36
CA CYS A 165 -3.44 17.83 -14.14
C CYS A 165 -4.13 16.47 -14.28
N PRO A 166 -3.58 15.36 -13.70
CA PRO A 166 -4.17 14.04 -13.96
C PRO A 166 -5.58 13.89 -13.42
N GLU A 167 -6.40 13.11 -14.12
CA GLU A 167 -7.73 12.82 -13.60
C GLU A 167 -7.62 11.64 -12.67
N ARG A 168 -8.32 11.69 -11.52
CA ARG A 168 -8.23 10.60 -10.55
C ARG A 168 -9.62 10.09 -10.14
N LEU A 169 -10.63 10.28 -11.03
CA LEU A 169 -12.01 9.82 -10.79
C LEU A 169 -12.13 8.32 -10.85
N ALA A 170 -12.95 7.75 -9.96
CA ALA A 170 -13.28 6.32 -9.96
C ALA A 170 -14.66 6.12 -10.56
N GLU A 171 -14.80 5.13 -11.46
CA GLU A 171 -16.08 4.84 -12.15
C GLU A 171 -17.19 4.49 -11.16
N GLY A 172 -18.38 5.05 -11.40
CA GLY A 172 -19.56 4.81 -10.54
C GLY A 172 -19.83 5.88 -9.51
N VAL A 173 -18.75 6.57 -9.05
CA VAL A 173 -18.85 7.66 -8.06
C VAL A 173 -18.12 8.93 -8.59
N ALA A 174 -17.88 9.02 -9.91
CA ALA A 174 -17.13 10.11 -10.57
C ALA A 174 -17.66 11.50 -10.25
N LEU A 175 -19.00 11.71 -10.29
CA LEU A 175 -19.59 13.03 -10.02
C LEU A 175 -19.38 13.48 -8.58
N ALA A 176 -19.38 12.54 -7.63
CA ALA A 176 -19.13 12.86 -6.23
C ALA A 176 -17.65 13.17 -6.01
N GLN A 177 -16.75 12.46 -6.71
CA GLN A 177 -15.30 12.58 -6.58
C GLN A 177 -14.71 13.83 -7.28
N VAL A 178 -15.27 14.24 -8.45
CA VAL A 178 -14.76 15.39 -9.18
C VAL A 178 -14.89 16.69 -8.34
N ARG A 179 -15.90 16.75 -7.46
CA ARG A 179 -16.17 17.92 -6.63
C ARG A 179 -15.45 17.87 -5.28
N THR A 180 -14.80 16.74 -4.95
CA THR A 180 -14.18 16.59 -3.63
C THR A 180 -12.67 16.38 -3.67
N LEU A 181 -12.16 15.58 -4.63
CA LEU A 181 -10.74 15.21 -4.71
C LEU A 181 -9.84 16.41 -4.96
N PRO A 182 -8.73 16.54 -4.18
CA PRO A 182 -7.73 17.57 -4.54
C PRO A 182 -7.11 17.28 -5.90
N VAL A 183 -6.91 18.33 -6.70
CA VAL A 183 -6.36 18.19 -8.05
C VAL A 183 -4.83 18.35 -8.00
N VAL A 184 -4.11 17.42 -8.61
CA VAL A 184 -2.66 17.52 -8.67
C VAL A 184 -2.33 18.41 -9.85
N VAL A 185 -1.46 19.42 -9.65
CA VAL A 185 -1.12 20.37 -10.72
C VAL A 185 0.37 20.33 -10.99
N GLY A 186 0.72 20.00 -12.23
CA GLY A 186 2.11 20.05 -12.68
C GLY A 186 2.23 21.03 -13.83
N GLY A 187 2.65 22.24 -13.51
CA GLY A 187 2.81 23.29 -14.51
C GLY A 187 4.09 23.15 -15.30
N CYS A 188 4.11 23.66 -16.52
CA CYS A 188 5.33 23.65 -17.33
C CYS A 188 6.26 24.80 -16.92
N GLY A 189 5.80 25.58 -15.95
CA GLY A 189 6.53 26.70 -15.38
C GLY A 189 5.73 27.31 -14.24
N PRO A 190 6.27 28.34 -13.54
CA PRO A 190 5.55 28.92 -12.40
C PRO A 190 4.25 29.63 -12.76
N ARG A 191 4.19 30.32 -13.92
CA ARG A 191 3.01 31.05 -14.33
C ARG A 191 1.86 30.10 -14.66
N SER A 192 2.18 28.99 -15.37
CA SER A 192 1.22 27.92 -15.73
C SER A 192 0.68 27.25 -14.46
N ALA A 193 1.57 26.93 -13.50
CA ALA A 193 1.21 26.29 -12.22
C ALA A 193 0.29 27.20 -11.40
N ALA A 194 0.59 28.53 -11.35
CA ALA A 194 -0.22 29.49 -10.58
C ALA A 194 -1.64 29.63 -11.17
N ALA A 195 -1.73 29.72 -12.50
CA ALA A 195 -3.01 29.87 -13.22
C ALA A 195 -3.85 28.61 -13.10
N ALA A 196 -3.25 27.43 -13.27
CA ALA A 196 -3.97 26.16 -13.16
C ALA A 196 -4.49 25.96 -11.74
N GLU A 197 -3.69 26.33 -10.72
CA GLU A 197 -4.13 26.21 -9.33
C GLU A 197 -5.33 27.15 -9.05
N ARG A 198 -5.21 28.42 -9.47
CA ARG A 198 -6.26 29.42 -9.28
C ARG A 198 -7.53 28.96 -10.00
N PHE A 199 -7.37 28.36 -11.22
CA PHE A 199 -8.48 27.81 -11.98
C PHE A 199 -9.22 26.70 -11.21
N TRP A 200 -8.49 25.66 -10.72
CA TRP A 200 -9.18 24.56 -10.03
C TRP A 200 -9.83 25.05 -8.72
N ARG A 201 -9.12 25.90 -7.94
CA ARG A 201 -9.67 26.43 -6.69
C ARG A 201 -10.94 27.26 -6.91
N SER A 202 -10.92 28.21 -7.84
CA SER A 202 -12.05 29.11 -8.01
C SER A 202 -13.19 28.50 -8.82
N ALA A 203 -12.89 27.75 -9.89
CA ALA A 203 -13.95 27.22 -10.76
C ALA A 203 -14.55 25.89 -10.28
N LEU A 204 -13.78 25.07 -9.58
CA LEU A 204 -14.27 23.77 -9.10
C LEU A 204 -14.51 23.76 -7.58
N GLY A 205 -13.83 24.63 -6.84
CA GLY A 205 -13.94 24.69 -5.40
C GLY A 205 -13.27 23.51 -4.73
N VAL A 206 -12.12 23.07 -5.27
CA VAL A 206 -11.37 21.92 -4.71
C VAL A 206 -9.97 22.36 -4.27
N ASP A 207 -9.33 21.57 -3.40
CA ASP A 207 -7.96 21.83 -2.99
C ASP A 207 -7.01 21.46 -4.13
N VAL A 208 -5.80 22.01 -4.10
CA VAL A 208 -4.82 21.75 -5.14
C VAL A 208 -3.52 21.28 -4.51
N ARG A 209 -2.91 20.27 -5.12
CA ARG A 209 -1.60 19.77 -4.69
C ARG A 209 -0.59 20.05 -5.80
N GLN A 210 0.29 21.02 -5.60
CA GLN A 210 1.32 21.35 -6.57
C GLN A 210 2.44 20.34 -6.54
N VAL A 211 2.93 19.96 -7.72
CA VAL A 211 4.13 19.14 -7.90
C VAL A 211 5.09 19.99 -8.78
N PRO A 212 6.42 19.79 -8.71
CA PRO A 212 7.34 20.72 -9.37
C PRO A 212 7.29 20.82 -10.91
N SER A 213 6.74 19.82 -11.63
CA SER A 213 6.75 19.87 -13.09
C SER A 213 5.59 19.12 -13.67
N ALA A 214 5.36 19.27 -14.99
CA ALA A 214 4.34 18.48 -15.69
C ALA A 214 4.71 16.99 -15.62
N GLU A 215 6.03 16.67 -15.72
CA GLU A 215 6.56 15.29 -15.68
C GLU A 215 6.25 14.64 -14.35
N SER A 216 6.39 15.41 -13.25
CA SER A 216 6.08 14.94 -11.93
C SER A 216 4.60 14.54 -11.83
N ALA A 217 3.69 15.37 -12.39
CA ALA A 217 2.24 15.11 -12.34
C ALA A 217 1.87 13.92 -13.24
N GLU A 218 2.59 13.77 -14.38
CA GLU A 218 2.40 12.63 -15.28
C GLU A 218 2.80 11.34 -14.55
N VAL A 219 3.87 11.37 -13.74
CA VAL A 219 4.30 10.18 -12.99
C VAL A 219 3.29 9.87 -11.87
N VAL A 220 2.77 10.93 -11.17
CA VAL A 220 1.75 10.72 -10.12
C VAL A 220 0.62 9.81 -10.62
N LYS A 221 0.10 10.09 -11.82
CA LYS A 221 -1.01 9.30 -12.35
C LYS A 221 -0.62 7.82 -12.55
N LEU A 222 0.55 7.60 -13.16
CA LEU A 222 1.02 6.25 -13.44
C LEU A 222 1.41 5.51 -12.16
N ALA A 223 2.06 6.19 -11.21
CA ALA A 223 2.44 5.59 -9.92
C ALA A 223 1.19 5.20 -9.12
N THR A 224 0.08 5.95 -9.27
CA THR A 224 -1.16 5.65 -8.55
C THR A 224 -1.76 4.35 -9.06
N ASN A 225 -1.87 4.19 -10.39
CA ASN A 225 -2.48 2.97 -10.94
C ASN A 225 -1.56 1.76 -10.76
N TRP A 226 -0.26 1.97 -10.81
CA TRP A 226 0.75 0.94 -10.52
C TRP A 226 0.53 0.44 -9.07
N TRP A 227 0.48 1.38 -8.10
CA TRP A 227 0.26 1.06 -6.69
C TRP A 227 -1.05 0.28 -6.50
N ILE A 228 -2.16 0.78 -7.05
CA ILE A 228 -3.44 0.08 -6.90
C ILE A 228 -3.36 -1.39 -7.48
N ASP A 229 -2.96 -1.53 -8.75
CA ASP A 229 -2.87 -2.84 -9.39
C ASP A 229 -1.94 -3.80 -8.62
N ALA A 230 -0.77 -3.33 -8.18
CA ALA A 230 0.18 -4.16 -7.44
C ALA A 230 -0.37 -4.54 -6.06
N ASN A 231 -1.18 -3.66 -5.45
CA ASN A 231 -1.74 -3.95 -4.14
C ASN A 231 -2.93 -4.90 -4.26
N VAL A 232 -3.66 -4.86 -5.40
CA VAL A 232 -4.69 -5.87 -5.66
C VAL A 232 -4.01 -7.25 -5.85
N ALA A 233 -2.83 -7.28 -6.53
CA ALA A 233 -2.08 -8.54 -6.70
C ALA A 233 -1.70 -9.13 -5.32
N ILE A 234 -1.18 -8.29 -4.40
CA ILE A 234 -0.83 -8.77 -3.05
C ILE A 234 -2.06 -9.39 -2.41
N ALA A 235 -3.20 -8.67 -2.47
CA ALA A 235 -4.45 -9.11 -1.86
C ALA A 235 -4.93 -10.44 -2.46
N ASN A 236 -4.83 -10.60 -3.78
CA ASN A 236 -5.27 -11.84 -4.43
C ASN A 236 -4.40 -13.01 -4.02
N GLU A 237 -3.08 -12.80 -3.95
CA GLU A 237 -2.18 -13.88 -3.52
C GLU A 237 -2.42 -14.20 -2.05
N LEU A 238 -2.69 -13.18 -1.21
CA LEU A 238 -2.96 -13.39 0.21
C LEU A 238 -4.23 -14.22 0.39
N ALA A 239 -5.28 -13.97 -0.44
CA ALA A 239 -6.52 -14.76 -0.40
C ALA A 239 -6.25 -16.22 -0.76
N ARG A 240 -5.35 -16.47 -1.72
CA ARG A 240 -4.98 -17.83 -2.14
C ARG A 240 -4.17 -18.53 -1.05
N TYR A 241 -3.35 -17.78 -0.32
CA TYR A 241 -2.57 -18.33 0.80
C TYR A 241 -3.52 -18.67 1.98
N CYS A 242 -4.47 -17.76 2.30
CA CYS A 242 -5.45 -17.96 3.37
C CYS A 242 -6.32 -19.18 3.09
N ALA A 243 -6.64 -19.39 1.79
CA ALA A 243 -7.48 -20.51 1.33
C ALA A 243 -6.89 -21.85 1.72
N VAL A 244 -5.56 -21.99 1.65
CA VAL A 244 -4.98 -23.30 2.00
C VAL A 244 -4.91 -23.47 3.54
N LEU A 245 -4.97 -22.37 4.31
CA LEU A 245 -4.94 -22.47 5.78
C LEU A 245 -6.37 -22.52 6.38
N GLY A 246 -7.36 -22.19 5.56
CA GLY A 246 -8.75 -22.11 5.99
C GLY A 246 -9.03 -20.87 6.82
N VAL A 247 -8.16 -19.86 6.75
CA VAL A 247 -8.30 -18.60 7.47
C VAL A 247 -9.09 -17.61 6.59
N ASP A 248 -9.91 -16.74 7.20
CA ASP A 248 -10.70 -15.78 6.42
C ASP A 248 -9.83 -14.56 6.12
N VAL A 249 -9.50 -14.35 4.83
CA VAL A 249 -8.65 -13.22 4.35
C VAL A 249 -9.24 -11.85 4.75
N LEU A 250 -10.58 -11.75 4.86
CA LEU A 250 -11.20 -10.47 5.20
C LEU A 250 -10.95 -10.10 6.68
N ASP A 251 -10.88 -11.13 7.58
CA ASP A 251 -10.52 -10.90 8.98
C ASP A 251 -9.09 -10.43 9.07
N VAL A 252 -8.20 -11.08 8.30
CA VAL A 252 -6.76 -10.76 8.26
C VAL A 252 -6.56 -9.33 7.77
N ILE A 253 -7.19 -8.97 6.66
CA ILE A 253 -7.05 -7.63 6.05
C ILE A 253 -7.57 -6.56 7.00
N GLY A 254 -8.74 -6.79 7.59
CA GLY A 254 -9.35 -5.87 8.55
C GLY A 254 -8.43 -5.58 9.75
N ALA A 255 -7.87 -6.64 10.34
CA ALA A 255 -6.98 -6.51 11.51
C ALA A 255 -5.65 -5.87 11.13
N ALA A 256 -5.05 -6.29 10.02
CA ALA A 256 -3.77 -5.73 9.52
C ALA A 256 -3.85 -4.24 9.24
N ASN A 257 -5.01 -3.79 8.69
CA ASN A 257 -5.22 -2.40 8.30
C ASN A 257 -5.43 -1.44 9.49
N THR A 258 -5.36 -1.96 10.73
CA THR A 258 -5.50 -1.10 11.93
C THR A 258 -4.12 -0.53 12.33
N LEU A 259 -3.06 -0.89 11.61
CA LEU A 259 -1.71 -0.40 11.92
C LEU A 259 -1.35 0.90 11.19
N PRO A 260 -1.03 2.02 11.91
CA PRO A 260 -0.54 3.22 11.22
C PRO A 260 0.81 2.93 10.56
N LYS A 261 0.96 3.35 9.31
CA LYS A 261 2.18 3.10 8.54
C LYS A 261 2.25 4.09 7.39
N GLY A 262 3.47 4.50 7.07
CA GLY A 262 3.69 5.44 5.96
C GLY A 262 3.04 6.77 6.28
N SER A 263 2.25 7.29 5.35
CA SER A 263 1.56 8.57 5.57
C SER A 263 0.09 8.37 6.00
N SER A 264 -0.36 7.09 6.18
CA SER A 264 -1.70 6.81 6.68
C SER A 264 -1.70 5.47 7.44
N MET A 265 -2.21 4.39 6.82
CA MET A 265 -2.32 3.08 7.46
C MET A 265 -1.85 2.00 6.53
N VAL A 266 -1.56 0.80 7.09
CA VAL A 266 -1.38 -0.41 6.31
C VAL A 266 -2.67 -0.53 5.52
N ASN A 267 -2.56 -0.71 4.21
CA ASN A 267 -3.75 -0.67 3.38
C ASN A 267 -3.77 -1.81 2.39
N LEU A 268 -3.98 -3.04 2.90
CA LEU A 268 -4.20 -4.22 2.08
C LEU A 268 -5.53 -4.04 1.40
N LEU A 269 -5.55 -4.12 0.07
CA LEU A 269 -6.78 -3.92 -0.69
C LEU A 269 -7.62 -5.20 -0.68
N LEU A 270 -8.83 -5.15 -1.23
CA LEU A 270 -9.70 -6.31 -1.21
C LEU A 270 -9.42 -7.25 -2.37
N PRO A 271 -9.39 -8.58 -2.12
CA PRO A 271 -9.18 -9.52 -3.21
C PRO A 271 -10.45 -9.62 -4.06
N GLY A 272 -10.33 -10.26 -5.21
CA GLY A 272 -11.48 -10.41 -6.12
C GLY A 272 -11.32 -11.55 -7.09
N VAL A 273 -11.88 -11.39 -8.28
CA VAL A 273 -11.85 -12.38 -9.36
C VAL A 273 -10.92 -11.90 -10.49
N GLY A 274 -10.19 -10.83 -10.22
CA GLY A 274 -9.26 -10.27 -11.19
C GLY A 274 -9.40 -8.78 -11.33
N VAL A 275 -8.75 -8.21 -12.34
CA VAL A 275 -8.73 -6.78 -12.55
C VAL A 275 -9.10 -6.45 -14.00
N GLY A 276 -10.04 -5.52 -14.15
CA GLY A 276 -10.50 -5.04 -15.44
C GLY A 276 -10.46 -3.52 -15.57
N GLY A 277 -11.06 -3.01 -16.63
CA GLY A 277 -11.03 -1.58 -16.96
C GLY A 277 -9.72 -1.20 -17.64
N SER A 278 -9.66 0.00 -18.23
CA SER A 278 -8.45 0.45 -18.94
C SER A 278 -7.34 0.90 -17.98
N CYS A 279 -7.71 1.59 -16.88
CA CYS A 279 -6.79 2.17 -15.93
C CYS A 279 -5.76 1.17 -15.41
N LEU A 280 -6.20 0.10 -14.73
CA LEU A 280 -5.29 -0.81 -14.06
C LEU A 280 -4.62 -1.86 -14.97
N THR A 281 -5.19 -2.18 -16.12
CA THR A 281 -4.58 -3.21 -16.97
C THR A 281 -3.66 -2.58 -18.04
N LYS A 282 -3.79 -1.27 -18.28
CA LYS A 282 -2.97 -0.62 -19.31
C LYS A 282 -1.93 0.35 -18.76
N ASP A 283 -2.31 1.23 -17.81
CA ASP A 283 -1.39 2.25 -17.26
C ASP A 283 -0.09 1.67 -16.65
N PRO A 284 -0.13 0.59 -15.83
CA PRO A 284 1.14 0.07 -15.28
C PRO A 284 2.06 -0.44 -16.38
N TRP A 285 1.50 -1.04 -17.46
CA TRP A 285 2.31 -1.48 -18.60
C TRP A 285 2.92 -0.27 -19.35
N MET A 286 2.16 0.86 -19.44
CA MET A 286 2.66 2.07 -20.06
C MET A 286 3.93 2.55 -19.32
N ALA A 287 3.87 2.56 -17.96
CA ALA A 287 5.03 2.92 -17.12
C ALA A 287 6.18 1.93 -17.34
N TRP A 288 5.87 0.62 -17.37
CA TRP A 288 6.85 -0.45 -17.60
C TRP A 288 7.59 -0.26 -18.93
N ARG A 289 6.85 0.03 -20.01
CA ARG A 289 7.42 0.23 -21.34
C ARG A 289 8.28 1.48 -21.38
N ASP A 290 7.78 2.59 -20.78
CA ASP A 290 8.55 3.83 -20.72
C ASP A 290 9.85 3.61 -19.92
N GLY A 291 9.76 2.87 -18.82
CA GLY A 291 10.92 2.54 -18.00
C GLY A 291 11.93 1.70 -18.77
N ARG A 292 11.42 0.67 -19.49
CA ARG A 292 12.25 -0.25 -20.30
C ARG A 292 13.08 0.51 -21.34
N ASP A 293 12.42 1.44 -22.07
CA ASP A 293 13.05 2.31 -23.07
C ASP A 293 14.17 3.15 -22.46
N ARG A 294 14.09 3.44 -21.16
CA ARG A 294 15.08 4.28 -20.48
C ARG A 294 16.06 3.46 -19.60
N GLY A 295 16.05 2.13 -19.76
CA GLY A 295 16.96 1.24 -19.05
C GLY A 295 16.57 0.87 -17.63
N VAL A 296 15.28 1.07 -17.26
CA VAL A 296 14.77 0.78 -15.90
C VAL A 296 13.72 -0.36 -15.95
N SER A 297 13.94 -1.42 -15.17
CA SER A 297 13.07 -2.58 -15.13
C SER A 297 12.00 -2.46 -14.01
N LEU A 298 10.70 -2.49 -14.37
CA LEU A 298 9.65 -2.43 -13.34
C LEU A 298 9.11 -3.83 -13.09
N ARG A 299 9.89 -4.64 -12.35
CA ARG A 299 9.54 -6.04 -12.07
C ARG A 299 8.23 -6.18 -11.27
N THR A 300 7.91 -5.21 -10.37
CA THR A 300 6.66 -5.28 -9.57
C THR A 300 5.42 -5.17 -10.47
N VAL A 301 5.51 -4.40 -11.55
CA VAL A 301 4.44 -4.30 -12.55
C VAL A 301 4.28 -5.65 -13.25
N GLU A 302 5.39 -6.24 -13.75
CA GLU A 302 5.33 -7.52 -14.49
C GLU A 302 4.62 -8.57 -13.68
N THR A 303 5.00 -8.69 -12.38
CA THR A 303 4.45 -9.68 -11.47
C THR A 303 2.99 -9.39 -11.15
N ALA A 304 2.66 -8.11 -10.85
CA ALA A 304 1.28 -7.72 -10.53
C ALA A 304 0.34 -8.02 -11.70
N ARG A 305 0.79 -7.72 -12.93
CA ARG A 305 -0.04 -7.97 -14.11
C ARG A 305 -0.23 -9.46 -14.34
N ALA A 306 0.82 -10.27 -14.14
CA ALA A 306 0.71 -11.72 -14.29
C ALA A 306 -0.22 -12.29 -13.25
N VAL A 307 -0.09 -11.83 -11.99
CA VAL A 307 -0.92 -12.34 -10.88
C VAL A 307 -2.40 -12.04 -11.15
N ASN A 308 -2.73 -10.78 -11.46
CA ASN A 308 -4.13 -10.39 -11.67
C ASN A 308 -4.72 -10.98 -12.96
N ASP A 309 -3.89 -11.17 -14.01
CA ASP A 309 -4.39 -11.80 -15.26
C ASP A 309 -4.73 -13.28 -15.06
N ASP A 310 -4.10 -13.93 -14.07
CA ASP A 310 -4.34 -15.35 -13.75
C ASP A 310 -5.57 -15.55 -12.85
N MET A 311 -6.05 -14.49 -12.17
CA MET A 311 -7.17 -14.63 -11.23
C MET A 311 -8.48 -15.16 -11.87
N PRO A 312 -8.93 -14.73 -13.07
CA PRO A 312 -10.20 -15.30 -13.63
C PRO A 312 -10.15 -16.82 -13.80
N ARG A 313 -9.02 -17.34 -14.34
CA ARG A 313 -8.84 -18.77 -14.56
C ARG A 313 -8.85 -19.49 -13.20
N HIS A 314 -8.12 -18.94 -12.21
CA HIS A 314 -8.09 -19.55 -10.89
C HIS A 314 -9.49 -19.58 -10.26
N THR A 315 -10.27 -18.50 -10.41
CA THR A 315 -11.63 -18.40 -9.86
C THR A 315 -12.51 -19.51 -10.43
N ALA A 316 -12.45 -19.74 -11.77
CA ALA A 316 -13.24 -20.79 -12.42
C ALA A 316 -12.83 -22.18 -11.91
N ALA A 317 -11.51 -22.39 -11.67
CA ALA A 317 -10.98 -23.67 -11.15
C ALA A 317 -11.49 -23.92 -9.74
N VAL A 318 -11.61 -22.86 -8.92
CA VAL A 318 -12.13 -22.97 -7.54
C VAL A 318 -13.62 -23.35 -7.59
N ILE A 319 -14.44 -22.61 -8.38
CA ILE A 319 -15.87 -22.93 -8.53
C ILE A 319 -16.04 -24.42 -8.97
N ALA A 320 -15.35 -24.87 -10.04
CA ALA A 320 -15.44 -26.24 -10.55
C ALA A 320 -15.08 -27.26 -9.45
N ASP A 321 -13.99 -27.00 -8.70
CA ASP A 321 -13.53 -27.87 -7.60
C ASP A 321 -14.54 -27.92 -6.45
N GLU A 322 -15.14 -26.77 -6.06
CA GLU A 322 -16.10 -26.74 -4.95
C GLU A 322 -17.41 -27.42 -5.33
N LEU A 323 -17.75 -27.40 -6.63
CA LEU A 323 -18.96 -28.07 -7.11
C LEU A 323 -18.78 -29.59 -7.05
N VAL A 324 -17.57 -30.08 -7.39
CA VAL A 324 -17.26 -31.52 -7.33
C VAL A 324 -17.28 -31.97 -5.86
N LYS A 325 -16.66 -31.19 -4.94
CA LYS A 325 -16.63 -31.53 -3.50
C LYS A 325 -18.05 -31.55 -2.91
N LEU A 326 -18.99 -30.81 -3.53
CA LEU A 326 -20.41 -30.77 -3.14
C LEU A 326 -21.18 -32.01 -3.70
N GLY A 327 -20.53 -32.76 -4.58
CA GLY A 327 -21.12 -33.94 -5.21
C GLY A 327 -21.88 -33.59 -6.47
N ARG A 328 -21.61 -32.40 -7.03
CA ARG A 328 -22.25 -31.92 -8.26
C ARG A 328 -21.31 -32.14 -9.45
N ASP A 329 -21.88 -32.34 -10.64
CA ASP A 329 -21.09 -32.56 -11.85
C ASP A 329 -21.52 -31.58 -12.97
N ARG A 330 -20.85 -31.63 -14.13
CA ARG A 330 -21.14 -30.77 -15.28
C ARG A 330 -22.54 -31.06 -15.86
N ASN A 331 -23.03 -32.27 -15.64
CA ASN A 331 -24.28 -32.76 -16.18
C ASN A 331 -25.53 -32.24 -15.46
N ASP A 332 -25.45 -32.06 -14.11
CA ASP A 332 -26.63 -31.66 -13.34
C ASP A 332 -26.57 -30.22 -12.85
N THR A 333 -25.51 -29.47 -13.20
CA THR A 333 -25.33 -28.13 -12.68
C THR A 333 -25.26 -27.04 -13.73
N THR A 334 -26.21 -26.11 -13.67
CA THR A 334 -26.16 -24.89 -14.44
C THR A 334 -25.66 -23.81 -13.47
N ILE A 335 -24.62 -23.06 -13.87
CA ILE A 335 -24.08 -22.02 -12.99
C ILE A 335 -24.72 -20.68 -13.34
N ALA A 336 -25.22 -19.96 -12.32
CA ALA A 336 -25.77 -18.62 -12.55
C ALA A 336 -24.75 -17.62 -12.11
N VAL A 337 -24.17 -16.90 -13.08
CA VAL A 337 -23.17 -15.86 -12.79
C VAL A 337 -23.94 -14.56 -12.58
N LEU A 338 -23.94 -14.08 -11.32
CA LEU A 338 -24.64 -12.86 -10.93
C LEU A 338 -23.60 -11.75 -10.83
N GLY A 339 -23.69 -10.80 -11.75
CA GLY A 339 -22.73 -9.71 -11.86
C GLY A 339 -21.69 -10.00 -12.92
N ALA A 340 -21.65 -9.14 -13.94
CA ALA A 340 -20.69 -9.26 -15.06
C ALA A 340 -19.77 -8.04 -15.14
N ALA A 341 -20.19 -6.89 -14.57
CA ALA A 341 -19.39 -5.66 -14.62
C ALA A 341 -18.00 -5.87 -13.98
N PHE A 342 -16.99 -5.09 -14.44
CA PHE A 342 -15.60 -5.21 -13.97
C PHE A 342 -15.47 -4.73 -12.54
N LYS A 343 -16.44 -3.95 -12.08
CA LYS A 343 -16.44 -3.30 -10.78
C LYS A 343 -17.81 -3.36 -10.16
N ASN A 344 -17.86 -3.30 -8.83
CA ASN A 344 -19.09 -3.26 -8.07
C ASN A 344 -19.81 -1.93 -8.32
N ASP A 345 -21.15 -1.98 -8.46
CA ASP A 345 -22.06 -0.84 -8.61
C ASP A 345 -21.80 0.00 -9.89
N THR A 346 -21.44 -0.69 -10.99
CA THR A 346 -21.32 -0.15 -12.35
C THR A 346 -21.86 -1.21 -13.30
N GLY A 347 -22.18 -0.82 -14.53
CA GLY A 347 -22.66 -1.77 -15.53
C GLY A 347 -21.66 -2.03 -16.65
N ASP A 348 -20.47 -1.42 -16.56
CA ASP A 348 -19.41 -1.48 -17.56
C ASP A 348 -18.78 -2.89 -17.70
N VAL A 349 -18.89 -3.50 -18.92
CA VAL A 349 -18.38 -4.86 -19.18
C VAL A 349 -17.34 -4.87 -20.34
N ARG A 350 -16.86 -3.69 -20.79
CA ARG A 350 -15.92 -3.56 -21.93
C ARG A 350 -14.61 -4.38 -21.74
N ASN A 351 -14.08 -4.39 -20.50
CA ASN A 351 -12.87 -5.15 -20.13
C ASN A 351 -13.08 -5.68 -18.72
N THR A 352 -13.89 -6.71 -18.59
CA THR A 352 -14.23 -7.26 -17.29
C THR A 352 -13.54 -8.60 -17.06
N PRO A 353 -13.00 -8.81 -15.84
CA PRO A 353 -12.39 -10.11 -15.51
C PRO A 353 -13.44 -11.25 -15.48
N VAL A 354 -14.75 -10.91 -15.35
CA VAL A 354 -15.83 -11.91 -15.32
C VAL A 354 -15.90 -12.66 -16.68
N ARG A 355 -15.46 -12.00 -17.78
CA ARG A 355 -15.39 -12.60 -19.10
C ARG A 355 -14.51 -13.85 -19.07
N GLY A 356 -13.33 -13.73 -18.45
CA GLY A 356 -12.38 -14.82 -18.29
C GLY A 356 -12.91 -15.94 -17.41
N VAL A 357 -13.65 -15.59 -16.33
CA VAL A 357 -14.22 -16.63 -15.44
C VAL A 357 -15.24 -17.47 -16.22
N VAL A 358 -16.16 -16.78 -16.93
CA VAL A 358 -17.22 -17.44 -17.70
C VAL A 358 -16.62 -18.33 -18.80
N ALA A 359 -15.65 -17.81 -19.58
CA ALA A 359 -15.00 -18.58 -20.63
C ALA A 359 -14.32 -19.81 -20.07
N ALA A 360 -13.65 -19.68 -18.88
CA ALA A 360 -12.95 -20.82 -18.26
C ALA A 360 -13.93 -21.87 -17.73
N LEU A 361 -15.10 -21.45 -17.17
CA LEU A 361 -16.12 -22.38 -16.68
C LEU A 361 -16.72 -23.19 -17.84
N ARG A 362 -17.05 -22.52 -18.96
CA ARG A 362 -17.62 -23.13 -20.16
C ARG A 362 -16.62 -24.14 -20.76
N ASP A 363 -15.30 -23.82 -20.70
CA ASP A 363 -14.21 -24.68 -21.16
C ASP A 363 -14.00 -25.89 -20.21
N SER A 364 -14.76 -25.93 -19.11
CA SER A 364 -14.72 -27.03 -18.15
C SER A 364 -16.01 -27.87 -18.27
N GLY A 365 -16.84 -27.54 -19.27
CA GLY A 365 -18.07 -28.26 -19.57
C GLY A 365 -19.29 -27.82 -18.80
N PHE A 366 -19.24 -26.64 -18.20
CA PHE A 366 -20.38 -26.13 -17.42
C PHE A 366 -21.27 -25.21 -18.24
N ARG A 367 -22.59 -25.34 -18.07
CA ARG A 367 -23.52 -24.38 -18.65
C ARG A 367 -23.54 -23.19 -17.72
N VAL A 368 -23.49 -21.98 -18.29
CA VAL A 368 -23.46 -20.76 -17.50
C VAL A 368 -24.58 -19.83 -17.99
N ARG A 369 -25.31 -19.24 -17.04
CA ARG A 369 -26.31 -18.21 -17.30
C ARG A 369 -25.77 -16.92 -16.70
N ILE A 370 -25.89 -15.78 -17.42
CA ILE A 370 -25.38 -14.50 -16.90
C ILE A 370 -26.53 -13.57 -16.56
N PHE A 371 -26.43 -12.88 -15.42
CA PHE A 371 -27.38 -11.86 -15.03
C PHE A 371 -26.66 -10.69 -14.36
N ASP A 372 -26.83 -9.49 -14.92
CA ASP A 372 -26.33 -8.24 -14.36
C ASP A 372 -27.31 -7.15 -14.75
N PRO A 373 -28.19 -6.75 -13.82
CA PRO A 373 -29.22 -5.76 -14.16
C PRO A 373 -28.68 -4.35 -14.38
N LEU A 374 -27.39 -4.12 -14.04
CA LEU A 374 -26.77 -2.80 -14.22
C LEU A 374 -26.15 -2.68 -15.61
N ALA A 375 -25.89 -3.81 -16.27
CA ALA A 375 -25.23 -3.85 -17.56
C ALA A 375 -26.20 -3.78 -18.75
N ASP A 376 -25.73 -3.27 -19.89
CA ASP A 376 -26.50 -3.22 -21.12
C ASP A 376 -26.55 -4.65 -21.71
N PRO A 377 -27.75 -5.23 -21.94
CA PRO A 377 -27.83 -6.60 -22.49
C PRO A 377 -27.03 -6.80 -23.79
N ALA A 378 -27.00 -5.78 -24.67
CA ALA A 378 -26.27 -5.84 -25.94
C ALA A 378 -24.76 -5.88 -25.70
N GLU A 379 -24.29 -5.20 -24.65
CA GLU A 379 -22.86 -5.16 -24.29
C GLU A 379 -22.40 -6.54 -23.78
N ILE A 380 -23.28 -7.24 -23.04
CA ILE A 380 -23.00 -8.60 -22.58
C ILE A 380 -22.92 -9.54 -23.79
N VAL A 381 -23.84 -9.40 -24.78
CA VAL A 381 -23.80 -10.25 -25.98
C VAL A 381 -22.44 -10.09 -26.73
N ALA A 382 -21.97 -8.83 -26.89
CA ALA A 382 -20.73 -8.51 -27.60
C ALA A 382 -19.45 -8.98 -26.86
N ARG A 383 -19.48 -9.03 -25.51
CA ARG A 383 -18.30 -9.42 -24.75
C ARG A 383 -18.30 -10.88 -24.32
N PHE A 384 -19.48 -11.46 -24.01
CA PHE A 384 -19.61 -12.84 -23.51
C PHE A 384 -20.11 -13.83 -24.59
N GLY A 385 -20.51 -13.31 -25.75
CA GLY A 385 -20.98 -14.13 -26.88
C GLY A 385 -22.32 -14.77 -26.67
N THR A 386 -23.04 -14.36 -25.61
CA THR A 386 -24.36 -14.90 -25.29
C THR A 386 -25.26 -13.83 -24.65
N ALA A 387 -26.57 -13.98 -24.83
CA ALA A 387 -27.55 -13.09 -24.25
C ALA A 387 -27.67 -13.34 -22.75
N PRO A 388 -27.73 -12.29 -21.90
CA PRO A 388 -27.93 -12.53 -20.46
C PRO A 388 -29.36 -13.00 -20.19
N ALA A 389 -29.61 -13.56 -18.99
CA ALA A 389 -30.96 -13.98 -18.60
C ALA A 389 -31.88 -12.77 -18.48
N ALA A 390 -33.14 -12.91 -18.92
CA ALA A 390 -34.13 -11.82 -18.92
C ALA A 390 -34.35 -11.21 -17.54
N SER A 391 -34.34 -12.07 -16.50
CA SER A 391 -34.62 -11.66 -15.12
C SER A 391 -33.79 -12.46 -14.14
N LEU A 392 -33.85 -12.09 -12.86
CA LEU A 392 -33.13 -12.82 -11.82
C LEU A 392 -33.68 -14.25 -11.70
N ASP A 393 -35.01 -14.42 -11.74
CA ASP A 393 -35.65 -15.73 -11.60
C ASP A 393 -35.22 -16.70 -12.73
N GLU A 394 -35.12 -16.22 -13.98
CA GLU A 394 -34.69 -17.04 -15.11
C GLU A 394 -33.23 -17.51 -14.91
N ALA A 395 -32.39 -16.62 -14.39
CA ALA A 395 -30.99 -16.96 -14.13
C ALA A 395 -30.85 -18.03 -13.04
N VAL A 396 -31.58 -17.88 -11.92
CA VAL A 396 -31.40 -18.72 -10.73
C VAL A 396 -32.28 -19.99 -10.70
N SER A 397 -33.44 -20.00 -11.39
CA SER A 397 -34.32 -21.17 -11.33
C SER A 397 -33.63 -22.42 -11.85
N GLY A 398 -33.50 -23.40 -10.96
CA GLY A 398 -32.86 -24.67 -11.25
C GLY A 398 -31.34 -24.64 -11.23
N ALA A 399 -30.73 -23.47 -10.89
CA ALA A 399 -29.26 -23.35 -10.86
C ALA A 399 -28.67 -24.11 -9.68
N GLY A 400 -27.53 -24.76 -9.92
CA GLY A 400 -26.81 -25.52 -8.91
C GLY A 400 -25.71 -24.70 -8.26
N CYS A 401 -25.46 -23.48 -8.81
CA CYS A 401 -24.44 -22.54 -8.28
C CYS A 401 -24.84 -21.10 -8.55
N LEU A 402 -24.74 -20.23 -7.52
CA LEU A 402 -24.92 -18.80 -7.66
C LEU A 402 -23.55 -18.17 -7.47
N ALA A 403 -22.91 -17.79 -8.57
CA ALA A 403 -21.56 -17.21 -8.49
C ALA A 403 -21.65 -15.67 -8.54
N PHE A 404 -21.49 -15.02 -7.39
CA PHE A 404 -21.54 -13.57 -7.27
C PHE A 404 -20.18 -12.99 -7.67
N LEU A 405 -20.03 -12.66 -8.95
CA LEU A 405 -18.75 -12.21 -9.50
C LEU A 405 -18.63 -10.68 -9.62
N ALA A 406 -19.69 -9.97 -9.22
CA ALA A 406 -19.72 -8.52 -9.00
C ALA A 406 -20.64 -8.28 -7.82
N GLY A 407 -20.16 -7.58 -6.83
CA GLY A 407 -20.90 -7.36 -5.60
C GLY A 407 -21.74 -6.10 -5.58
N HIS A 408 -22.65 -5.96 -6.56
CA HIS A 408 -23.56 -4.80 -6.63
C HIS A 408 -24.43 -4.73 -5.38
N ARG A 409 -24.74 -3.51 -4.90
CA ARG A 409 -25.59 -3.33 -3.71
C ARG A 409 -26.92 -4.05 -3.84
N GLN A 410 -27.45 -4.15 -5.10
CA GLN A 410 -28.68 -4.87 -5.41
C GLN A 410 -28.62 -6.31 -4.92
N PHE A 411 -27.48 -6.98 -5.13
CA PHE A 411 -27.32 -8.40 -4.76
C PHE A 411 -27.30 -8.60 -3.25
N HIS A 412 -26.86 -7.58 -2.50
CA HIS A 412 -26.85 -7.61 -1.04
C HIS A 412 -28.28 -7.53 -0.49
N GLU A 413 -29.23 -7.06 -1.33
CA GLU A 413 -30.64 -6.85 -0.93
C GLU A 413 -31.58 -7.97 -1.43
N LEU A 414 -31.03 -9.06 -1.95
CA LEU A 414 -31.89 -10.15 -2.44
C LEU A 414 -32.45 -10.95 -1.27
N ASP A 415 -33.63 -11.57 -1.46
CA ASP A 415 -34.21 -12.43 -0.45
C ASP A 415 -33.65 -13.84 -0.66
N PHE A 416 -32.62 -14.22 0.12
CA PHE A 416 -31.96 -15.54 -0.02
C PHE A 416 -32.85 -16.69 0.44
N GLY A 417 -33.81 -16.40 1.32
CA GLY A 417 -34.79 -17.39 1.75
C GLY A 417 -35.64 -17.80 0.56
N ALA A 418 -36.02 -16.82 -0.28
CA ALA A 418 -36.80 -17.04 -1.50
C ALA A 418 -35.95 -17.73 -2.56
N LEU A 419 -34.68 -17.29 -2.74
CA LEU A 419 -33.75 -17.89 -3.71
C LEU A 419 -33.58 -19.38 -3.45
N ALA A 420 -33.51 -19.78 -2.17
CA ALA A 420 -33.36 -21.17 -1.72
C ALA A 420 -34.46 -22.09 -2.27
N GLU A 421 -35.67 -21.54 -2.50
CA GLU A 421 -36.80 -22.32 -3.02
C GLU A 421 -36.74 -22.45 -4.55
N ARG A 422 -35.91 -21.63 -5.22
CA ARG A 422 -35.84 -21.63 -6.70
C ARG A 422 -34.68 -22.46 -7.21
N VAL A 423 -33.57 -22.49 -6.47
CA VAL A 423 -32.33 -23.17 -6.87
C VAL A 423 -32.46 -24.69 -6.78
N ASP A 424 -31.45 -25.40 -7.30
CA ASP A 424 -31.40 -26.85 -7.19
C ASP A 424 -30.53 -27.21 -5.98
N GLU A 425 -31.12 -27.87 -4.96
CA GLU A 425 -30.41 -28.29 -3.75
C GLU A 425 -29.51 -29.50 -4.05
N PRO A 426 -28.24 -29.53 -3.58
CA PRO A 426 -27.52 -28.51 -2.81
C PRO A 426 -26.96 -27.44 -3.75
N CYS A 427 -27.22 -26.17 -3.44
CA CYS A 427 -26.75 -25.08 -4.28
C CYS A 427 -25.55 -24.39 -3.68
N LEU A 428 -24.49 -24.25 -4.47
CA LEU A 428 -23.28 -23.56 -4.05
C LEU A 428 -23.44 -22.04 -4.19
N VAL A 429 -23.12 -21.28 -3.13
CA VAL A 429 -23.03 -19.82 -3.23
C VAL A 429 -21.54 -19.49 -3.30
N PHE A 430 -21.07 -18.97 -4.45
CA PHE A 430 -19.66 -18.62 -4.59
C PHE A 430 -19.51 -17.13 -4.42
N ASP A 431 -18.72 -16.72 -3.43
CA ASP A 431 -18.50 -15.32 -3.16
C ASP A 431 -17.23 -14.82 -3.81
N GLY A 432 -17.37 -14.19 -4.95
CA GLY A 432 -16.25 -13.59 -5.65
C GLY A 432 -15.98 -12.15 -5.24
N ARG A 433 -17.03 -11.31 -5.22
N ARG A 433 -17.05 -11.32 -5.20
CA ARG A 433 -16.89 -9.89 -4.89
CA ARG A 433 -16.91 -9.89 -4.88
C ARG A 433 -18.01 -9.35 -3.96
C ARG A 433 -18.02 -9.35 -3.95
N MET A 434 -18.76 -10.24 -3.29
CA MET A 434 -19.81 -9.81 -2.33
C MET A 434 -19.16 -9.50 -0.99
N HIS A 435 -18.09 -10.27 -0.65
CA HIS A 435 -17.35 -10.12 0.61
C HIS A 435 -18.30 -10.17 1.82
N LEU A 436 -19.18 -11.18 1.85
CA LEU A 436 -20.19 -11.33 2.90
C LEU A 436 -19.56 -11.55 4.28
N PRO A 437 -20.07 -10.88 5.33
CA PRO A 437 -19.53 -11.11 6.67
C PRO A 437 -19.96 -12.48 7.21
N PRO A 438 -19.25 -13.03 8.24
CA PRO A 438 -19.62 -14.34 8.81
C PRO A 438 -21.09 -14.51 9.22
N ALA A 439 -21.76 -13.44 9.71
CA ALA A 439 -23.18 -13.51 10.11
C ALA A 439 -24.06 -13.81 8.91
N ARG A 440 -23.76 -13.17 7.75
CA ARG A 440 -24.51 -13.39 6.52
C ARG A 440 -24.25 -14.77 5.96
N ILE A 441 -23.00 -15.29 6.12
CA ILE A 441 -22.62 -16.65 5.67
C ILE A 441 -23.43 -17.71 6.45
N ARG A 442 -23.58 -17.49 7.76
CA ARG A 442 -24.36 -18.36 8.66
C ARG A 442 -25.82 -18.42 8.21
N GLU A 443 -26.38 -17.26 7.82
CA GLU A 443 -27.75 -17.14 7.32
C GLU A 443 -27.94 -17.97 6.03
N LEU A 444 -26.94 -17.93 5.11
CA LEU A 444 -27.00 -18.72 3.86
C LEU A 444 -27.04 -20.22 4.15
N HIS A 445 -26.22 -20.70 5.13
CA HIS A 445 -26.19 -22.11 5.52
C HIS A 445 -27.51 -22.54 6.14
N ARG A 446 -28.12 -21.65 6.95
CA ARG A 446 -29.42 -21.90 7.57
C ARG A 446 -30.51 -22.05 6.49
N PHE A 447 -30.36 -21.32 5.35
CA PHE A 447 -31.31 -21.44 4.24
C PHE A 447 -31.05 -22.69 3.37
N GLY A 448 -29.94 -23.40 3.61
CA GLY A 448 -29.61 -24.62 2.89
C GLY A 448 -28.52 -24.51 1.83
N PHE A 449 -27.92 -23.30 1.68
CA PHE A 449 -26.85 -23.07 0.70
C PHE A 449 -25.49 -23.56 1.23
N ALA A 450 -24.55 -23.87 0.31
CA ALA A 450 -23.15 -24.20 0.63
C ALA A 450 -22.31 -23.01 0.21
N TYR A 451 -21.76 -22.27 1.16
CA TYR A 451 -21.04 -21.04 0.88
C TYR A 451 -19.54 -21.30 0.71
N ARG A 452 -18.95 -20.74 -0.36
CA ARG A 452 -17.51 -20.81 -0.62
C ARG A 452 -17.01 -19.49 -1.20
N GLY A 453 -15.74 -19.22 -0.95
CA GLY A 453 -15.04 -18.08 -1.51
C GLY A 453 -13.57 -18.35 -1.46
N ILE A 454 -12.78 -17.62 -2.26
CA ILE A 454 -11.32 -17.79 -2.22
C ILE A 454 -10.80 -17.14 -0.92
N GLY A 455 -10.29 -17.95 -0.01
CA GLY A 455 -9.78 -17.47 1.25
C GLY A 455 -10.84 -16.97 2.20
N ARG A 456 -12.07 -17.48 2.07
CA ARG A 456 -13.18 -17.11 2.95
C ARG A 456 -13.51 -18.22 3.94
N ASN B 2 -15.41 -19.25 37.82
CA ASN B 2 -15.61 -20.04 36.60
C ASN B 2 -16.16 -19.21 35.44
N ALA B 3 -16.95 -18.13 35.74
CA ALA B 3 -17.56 -17.25 34.74
C ALA B 3 -16.53 -16.37 34.03
N MET B 4 -15.44 -15.98 34.73
CA MET B 4 -14.37 -15.12 34.17
C MET B 4 -13.00 -15.83 34.33
N PRO B 5 -12.71 -16.87 33.51
CA PRO B 5 -11.45 -17.60 33.72
C PRO B 5 -10.23 -16.92 33.11
N PHE B 6 -9.06 -17.34 33.62
CA PHE B 6 -7.71 -17.03 33.15
C PHE B 6 -7.24 -15.60 33.42
N LEU B 7 -7.98 -14.81 34.24
CA LEU B 7 -7.49 -13.47 34.61
C LEU B 7 -8.20 -12.95 35.86
N PRO B 8 -7.44 -12.45 36.88
CA PRO B 8 -8.11 -11.87 38.05
C PRO B 8 -8.91 -10.62 37.67
N ASP B 9 -9.87 -10.22 38.51
CA ASP B 9 -10.61 -8.98 38.27
C ASP B 9 -9.60 -7.83 38.23
N PRO B 10 -9.60 -6.98 37.17
CA PRO B 10 -8.62 -5.87 37.10
C PRO B 10 -8.71 -4.90 38.27
N GLY B 11 -9.83 -4.90 38.99
CA GLY B 11 -10.03 -4.05 40.15
C GLY B 11 -9.43 -4.59 41.44
N GLU B 12 -8.87 -5.82 41.41
CA GLU B 12 -8.25 -6.46 42.60
C GLU B 12 -7.17 -5.55 43.17
N PRO B 13 -7.06 -5.44 44.52
CA PRO B 13 -6.01 -4.57 45.09
C PRO B 13 -4.58 -5.05 44.78
N SER B 14 -4.33 -6.38 44.83
CA SER B 14 -2.99 -6.91 44.59
C SER B 14 -2.61 -6.78 43.11
N PRO B 15 -1.37 -6.35 42.80
CA PRO B 15 -1.00 -6.16 41.39
C PRO B 15 -0.96 -7.45 40.58
N LEU B 16 -1.22 -7.33 39.29
CA LEU B 16 -1.15 -8.45 38.35
C LEU B 16 0.31 -8.88 38.21
N LYS B 17 0.56 -10.19 38.24
CA LYS B 17 1.90 -10.75 38.14
C LYS B 17 2.12 -11.25 36.73
N VAL B 18 3.10 -10.65 36.01
CA VAL B 18 3.38 -10.99 34.62
C VAL B 18 4.82 -11.49 34.48
N VAL B 19 5.02 -12.58 33.73
CA VAL B 19 6.33 -13.10 33.39
C VAL B 19 6.52 -12.92 31.88
N ILE B 20 7.61 -12.28 31.46
CA ILE B 20 7.89 -12.10 30.03
C ILE B 20 9.13 -12.91 29.67
N ALA B 21 8.94 -13.91 28.79
CA ALA B 21 10.01 -14.77 28.31
C ALA B 21 10.69 -14.13 27.12
N GLY B 22 11.95 -13.76 27.30
CA GLY B 22 12.73 -13.07 26.28
C GLY B 22 12.86 -11.60 26.62
N ALA B 23 14.08 -11.16 26.93
CA ALA B 23 14.33 -9.78 27.33
C ALA B 23 15.07 -9.02 26.23
N GLY B 24 14.59 -9.19 25.00
CA GLY B 24 15.10 -8.47 23.85
C GLY B 24 14.39 -7.14 23.75
N TYR B 25 14.42 -6.55 22.57
CA TYR B 25 13.77 -5.27 22.30
C TYR B 25 12.27 -5.32 22.65
N VAL B 26 11.56 -6.34 22.15
CA VAL B 26 10.12 -6.49 22.34
C VAL B 26 9.79 -6.71 23.82
N GLY B 27 10.45 -7.71 24.43
CA GLY B 27 10.24 -8.05 25.82
C GLY B 27 10.44 -6.88 26.77
N THR B 28 11.54 -6.10 26.58
CA THR B 28 11.86 -4.94 27.43
C THR B 28 10.78 -3.83 27.28
N CYS B 29 10.36 -3.51 26.04
CA CYS B 29 9.30 -2.52 25.76
C CYS B 29 7.99 -2.94 26.44
N LEU B 30 7.65 -4.24 26.32
CA LEU B 30 6.45 -4.82 26.93
C LEU B 30 6.54 -4.75 28.47
N ALA B 31 7.69 -5.17 29.02
CA ALA B 31 7.91 -5.20 30.47
C ALA B 31 7.78 -3.82 31.09
N VAL B 32 8.41 -2.81 30.46
CA VAL B 32 8.42 -1.43 30.94
C VAL B 32 6.99 -0.81 30.89
N THR B 33 6.26 -1.03 29.80
CA THR B 33 4.92 -0.44 29.64
C THR B 33 3.92 -1.12 30.59
N LEU B 34 4.04 -2.45 30.82
CA LEU B 34 3.15 -3.17 31.75
C LEU B 34 3.46 -2.80 33.22
N ALA B 35 4.76 -2.72 33.59
CA ALA B 35 5.16 -2.34 34.95
C ALA B 35 4.77 -0.90 35.26
N GLY B 36 4.90 -0.02 34.26
CA GLY B 36 4.54 1.39 34.37
C GLY B 36 3.09 1.61 34.74
N ARG B 37 2.19 0.69 34.30
CA ARG B 37 0.75 0.76 34.59
C ARG B 37 0.34 0.04 35.91
N GLY B 38 1.32 -0.47 36.65
CA GLY B 38 1.06 -1.07 37.96
C GLY B 38 1.30 -2.57 38.12
N ALA B 39 1.51 -3.31 37.02
CA ALA B 39 1.76 -4.74 37.14
C ALA B 39 3.16 -5.02 37.68
N GLU B 40 3.34 -6.21 38.31
CA GLU B 40 4.65 -6.66 38.78
C GLU B 40 5.18 -7.57 37.69
N VAL B 41 6.34 -7.21 37.12
CA VAL B 41 6.87 -7.92 35.94
C VAL B 41 8.25 -8.49 36.23
N VAL B 42 8.49 -9.72 35.75
CA VAL B 42 9.82 -10.32 35.79
C VAL B 42 10.15 -10.80 34.38
N ALA B 43 11.22 -10.23 33.80
CA ALA B 43 11.70 -10.60 32.47
C ALA B 43 12.62 -11.80 32.61
N VAL B 44 12.39 -12.84 31.80
CA VAL B 44 13.21 -14.04 31.86
C VAL B 44 14.04 -14.15 30.58
N ASP B 45 15.38 -14.30 30.72
CA ASP B 45 16.30 -14.42 29.59
C ASP B 45 17.51 -15.31 29.97
N SER B 46 17.99 -16.13 29.01
CA SER B 46 19.12 -17.04 29.23
C SER B 46 20.45 -16.29 29.36
N ASP B 47 20.55 -15.08 28.76
CA ASP B 47 21.76 -14.27 28.82
C ASP B 47 21.98 -13.69 30.24
N PRO B 48 23.08 -14.06 30.94
CA PRO B 48 23.29 -13.53 32.30
C PRO B 48 23.53 -12.01 32.32
N GLY B 49 24.23 -11.51 31.28
CA GLY B 49 24.54 -10.09 31.13
C GLY B 49 23.31 -9.21 31.01
N THR B 50 22.31 -9.67 30.23
CA THR B 50 21.03 -8.98 30.02
C THR B 50 20.24 -8.92 31.35
N VAL B 51 20.19 -10.06 32.07
CA VAL B 51 19.49 -10.18 33.34
C VAL B 51 20.17 -9.30 34.41
N ALA B 52 21.53 -9.28 34.44
CA ALA B 52 22.29 -8.45 35.37
C ALA B 52 22.01 -6.95 35.14
N ASP B 53 21.93 -6.53 33.86
CA ASP B 53 21.65 -5.15 33.50
C ASP B 53 20.27 -4.70 34.00
N LEU B 54 19.20 -5.46 33.66
CA LEU B 54 17.82 -5.14 34.06
C LEU B 54 17.66 -5.08 35.58
N ARG B 55 18.27 -6.04 36.32
CA ARG B 55 18.20 -6.11 37.79
C ARG B 55 18.83 -4.87 38.44
N ALA B 56 19.86 -4.29 37.80
CA ALA B 56 20.52 -3.07 38.27
C ALA B 56 19.98 -1.81 37.56
N GLY B 57 18.83 -1.94 36.88
CA GLY B 57 18.18 -0.84 36.18
C GLY B 57 18.93 -0.29 34.98
N ARG B 58 19.76 -1.12 34.35
CA ARG B 58 20.52 -0.74 33.16
C ARG B 58 19.87 -1.32 31.90
N CYS B 59 19.91 -0.56 30.81
CA CYS B 59 19.39 -0.95 29.50
C CYS B 59 20.20 -0.23 28.45
N ARG B 60 20.87 -1.00 27.57
CA ARG B 60 21.75 -0.45 26.53
C ARG B 60 20.99 -0.15 25.23
N LEU B 61 19.69 -0.46 25.18
CA LEU B 61 18.87 -0.22 24.00
C LEU B 61 18.63 1.28 23.80
N PRO B 62 18.84 1.81 22.58
CA PRO B 62 18.73 3.26 22.36
C PRO B 62 17.28 3.78 22.24
N GLU B 63 16.27 2.88 22.19
CA GLU B 63 14.85 3.26 22.08
C GLU B 63 14.52 4.46 23.01
N PRO B 64 13.97 5.58 22.47
CA PRO B 64 13.74 6.77 23.30
C PRO B 64 12.85 6.51 24.52
N GLY B 65 13.35 6.91 25.68
CA GLY B 65 12.65 6.77 26.94
C GLY B 65 12.76 5.41 27.60
N LEU B 66 13.36 4.41 26.92
CA LEU B 66 13.45 3.04 27.45
C LEU B 66 14.44 2.90 28.61
N ALA B 67 15.69 3.41 28.44
CA ALA B 67 16.72 3.33 29.48
C ALA B 67 16.27 4.00 30.80
N GLY B 68 15.56 5.13 30.68
CA GLY B 68 15.06 5.89 31.82
C GLY B 68 13.97 5.15 32.57
N ALA B 69 13.03 4.55 31.82
CA ALA B 69 11.93 3.79 32.37
C ALA B 69 12.42 2.50 33.06
N VAL B 70 13.44 1.84 32.46
CA VAL B 70 14.05 0.62 33.04
C VAL B 70 14.67 0.96 34.41
N ARG B 71 15.44 2.06 34.48
CA ARG B 71 16.10 2.54 35.70
C ARG B 71 15.09 2.91 36.80
N ASP B 72 13.98 3.58 36.43
CA ASP B 72 12.94 4.00 37.37
C ASP B 72 12.13 2.82 37.92
N LEU B 73 11.66 1.91 37.03
CA LEU B 73 10.81 0.78 37.43
C LEU B 73 11.58 -0.30 38.18
N ALA B 74 12.86 -0.56 37.82
CA ALA B 74 13.68 -1.53 38.54
C ALA B 74 13.89 -1.08 40.01
N ALA B 75 13.90 0.25 40.23
CA ALA B 75 14.05 0.85 41.56
C ALA B 75 12.74 0.76 42.37
N THR B 76 11.56 0.83 41.69
CA THR B 76 10.25 0.70 42.36
C THR B 76 9.96 -0.77 42.74
N GLY B 77 10.78 -1.69 42.19
CA GLY B 77 10.66 -3.12 42.45
C GLY B 77 9.66 -3.85 41.57
N ARG B 78 8.88 -3.10 40.74
CA ARG B 78 7.86 -3.72 39.88
C ARG B 78 8.47 -4.35 38.63
N LEU B 79 9.72 -3.96 38.26
CA LEU B 79 10.42 -4.56 37.13
C LEU B 79 11.67 -5.29 37.63
N THR B 80 11.67 -6.62 37.51
CA THR B 80 12.83 -7.46 37.91
C THR B 80 13.16 -8.41 36.76
N ALA B 81 14.25 -9.14 36.89
CA ALA B 81 14.68 -10.09 35.87
C ALA B 81 15.29 -11.33 36.50
N SER B 82 15.31 -12.44 35.74
CA SER B 82 15.84 -13.73 36.19
C SER B 82 16.32 -14.57 35.02
N THR B 83 17.33 -15.43 35.25
CA THR B 83 17.78 -16.39 34.23
C THR B 83 16.92 -17.65 34.37
N SER B 84 16.27 -17.80 35.53
CA SER B 84 15.41 -18.93 35.85
C SER B 84 13.96 -18.69 35.44
N TYR B 85 13.27 -19.76 35.03
CA TYR B 85 11.86 -19.73 34.65
C TYR B 85 10.96 -20.00 35.89
N ASP B 86 11.55 -20.13 37.10
CA ASP B 86 10.83 -20.38 38.35
C ASP B 86 9.73 -19.31 38.66
N PRO B 87 9.87 -17.99 38.32
CA PRO B 87 8.78 -17.04 38.63
C PRO B 87 7.48 -17.32 37.87
N VAL B 88 7.50 -18.22 36.84
CA VAL B 88 6.29 -18.61 36.06
C VAL B 88 5.20 -19.20 37.00
N GLY B 89 5.62 -19.99 38.00
CA GLY B 89 4.72 -20.63 38.95
C GLY B 89 3.79 -19.69 39.70
N ALA B 90 4.28 -18.48 40.02
CA ALA B 90 3.52 -17.49 40.79
C ALA B 90 2.83 -16.45 39.90
N ALA B 91 3.07 -16.50 38.58
CA ALA B 91 2.53 -15.53 37.62
C ALA B 91 1.04 -15.71 37.31
N ASP B 92 0.39 -14.61 36.89
CA ASP B 92 -0.98 -14.65 36.39
C ASP B 92 -0.93 -14.77 34.88
N VAL B 93 0.01 -14.03 34.24
CA VAL B 93 0.15 -14.01 32.78
C VAL B 93 1.59 -14.30 32.39
N VAL B 94 1.77 -15.12 31.35
CA VAL B 94 3.09 -15.44 30.81
C VAL B 94 3.10 -14.99 29.34
N ILE B 95 4.02 -14.08 28.99
CA ILE B 95 4.10 -13.59 27.60
C ILE B 95 5.40 -14.11 26.99
N VAL B 96 5.30 -14.79 25.83
CA VAL B 96 6.48 -15.34 25.17
C VAL B 96 6.88 -14.44 23.98
N THR B 97 8.05 -13.77 24.10
CA THR B 97 8.59 -12.88 23.04
C THR B 97 9.97 -13.39 22.55
N VAL B 98 10.30 -14.68 22.79
CA VAL B 98 11.62 -15.25 22.42
C VAL B 98 11.85 -15.29 20.89
N GLY B 99 13.13 -15.34 20.51
CA GLY B 99 13.57 -15.34 19.11
C GLY B 99 13.10 -16.55 18.32
N THR B 100 12.66 -16.30 17.08
CA THR B 100 12.19 -17.34 16.15
C THR B 100 12.85 -17.08 14.77
N PRO B 101 14.17 -17.39 14.60
CA PRO B 101 14.81 -17.14 13.31
C PRO B 101 14.46 -18.21 12.27
N THR B 102 14.96 -18.05 11.04
CA THR B 102 14.73 -19.02 9.96
C THR B 102 16.04 -19.46 9.33
N ASP B 103 16.09 -20.71 8.85
CA ASP B 103 17.27 -21.24 8.16
C ASP B 103 17.31 -20.74 6.70
N ALA B 104 18.33 -21.17 5.93
CA ALA B 104 18.53 -20.79 4.52
C ALA B 104 17.32 -21.15 3.62
N GLY B 105 16.58 -22.19 4.02
CA GLY B 105 15.40 -22.66 3.30
C GLY B 105 14.14 -21.91 3.67
N HIS B 106 14.27 -20.86 4.52
CA HIS B 106 13.20 -19.97 5.00
C HIS B 106 12.19 -20.72 5.90
N GLU B 107 12.67 -21.77 6.59
CA GLU B 107 11.89 -22.57 7.54
C GLU B 107 12.28 -22.18 8.96
N MET B 108 11.27 -22.08 9.86
CA MET B 108 11.44 -21.69 11.27
C MET B 108 12.53 -22.47 12.00
N VAL B 109 13.32 -21.74 12.81
CA VAL B 109 14.30 -22.32 13.74
C VAL B 109 13.57 -22.28 15.08
N THR B 110 12.90 -23.40 15.42
CA THR B 110 12.03 -23.50 16.59
C THR B 110 12.82 -23.63 17.91
N ASP B 111 14.15 -23.84 17.82
CA ASP B 111 15.06 -24.04 18.97
C ASP B 111 14.74 -23.14 20.19
N GLN B 112 14.81 -21.80 20.05
CA GLN B 112 14.58 -20.85 21.15
C GLN B 112 13.16 -20.92 21.69
N LEU B 113 12.16 -21.06 20.79
CA LEU B 113 10.76 -21.14 21.18
C LEU B 113 10.49 -22.47 21.89
N VAL B 114 11.04 -23.58 21.35
CA VAL B 114 10.89 -24.92 21.93
C VAL B 114 11.51 -24.93 23.33
N ALA B 115 12.72 -24.36 23.49
CA ALA B 115 13.44 -24.32 24.77
C ALA B 115 12.68 -23.52 25.82
N ALA B 116 12.10 -22.36 25.43
CA ALA B 116 11.31 -21.51 26.31
C ALA B 116 10.04 -22.23 26.74
N CYS B 117 9.33 -22.87 25.78
CA CYS B 117 8.11 -23.62 26.04
C CYS B 117 8.37 -24.83 26.92
N GLU B 118 9.56 -25.49 26.75
CA GLU B 118 9.92 -26.65 27.55
C GLU B 118 10.26 -26.26 28.99
N GLN B 119 10.60 -24.98 29.23
CA GLN B 119 10.90 -24.49 30.58
C GLN B 119 9.61 -24.01 31.27
N ILE B 120 8.67 -23.44 30.48
CA ILE B 120 7.40 -22.94 31.00
C ILE B 120 6.47 -24.11 31.38
N ALA B 121 6.34 -25.13 30.49
CA ALA B 121 5.43 -26.28 30.63
C ALA B 121 5.40 -26.92 32.05
N PRO B 122 6.53 -27.28 32.71
CA PRO B 122 6.42 -27.88 34.06
C PRO B 122 5.99 -26.88 35.13
N ARG B 123 6.19 -25.58 34.88
CA ARG B 123 5.90 -24.52 35.86
C ARG B 123 4.50 -23.93 35.66
N LEU B 124 3.86 -24.25 34.52
CA LEU B 124 2.54 -23.78 34.18
C LEU B 124 1.49 -24.28 35.18
N ARG B 125 0.58 -23.39 35.62
CA ARG B 125 -0.46 -23.75 36.59
C ARG B 125 -1.85 -23.46 36.03
N ALA B 126 -2.87 -24.21 36.51
CA ALA B 126 -4.25 -23.97 36.08
C ALA B 126 -4.68 -22.54 36.44
N GLY B 127 -5.36 -21.89 35.52
CA GLY B 127 -5.87 -20.53 35.70
C GLY B 127 -4.98 -19.46 35.09
N GLN B 128 -3.78 -19.82 34.63
CA GLN B 128 -2.86 -18.88 34.04
C GLN B 128 -3.24 -18.57 32.59
N LEU B 129 -2.77 -17.44 32.09
CA LEU B 129 -2.96 -17.03 30.71
C LEU B 129 -1.59 -16.96 30.03
N VAL B 130 -1.45 -17.63 28.87
CA VAL B 130 -0.20 -17.64 28.10
C VAL B 130 -0.42 -16.91 26.78
N ILE B 131 0.46 -15.95 26.46
CA ILE B 131 0.34 -15.19 25.22
C ILE B 131 1.63 -15.31 24.45
N LEU B 132 1.54 -15.71 23.17
CA LEU B 132 2.69 -15.75 22.28
C LEU B 132 2.72 -14.48 21.44
N LYS B 133 3.86 -13.76 21.46
CA LYS B 133 4.05 -12.52 20.70
C LYS B 133 5.07 -12.71 19.54
N SER B 134 5.96 -13.71 19.66
CA SER B 134 7.00 -14.02 18.66
C SER B 134 6.41 -14.31 17.28
N THR B 135 7.00 -13.74 16.21
CA THR B 135 6.54 -14.00 14.83
C THR B 135 6.82 -15.47 14.47
N VAL B 136 5.77 -16.20 14.07
CA VAL B 136 5.84 -17.62 13.78
C VAL B 136 5.03 -17.96 12.52
N SER B 137 5.27 -19.15 11.95
CA SER B 137 4.50 -19.66 10.81
C SER B 137 3.08 -20.04 11.28
N PRO B 138 2.01 -19.84 10.45
CA PRO B 138 0.65 -20.14 10.93
C PRO B 138 0.46 -21.61 11.30
N GLY B 139 -0.25 -21.83 12.38
CA GLY B 139 -0.45 -23.18 12.92
C GLY B 139 0.46 -23.50 14.08
N THR B 140 1.54 -22.70 14.29
CA THR B 140 2.54 -22.89 15.36
C THR B 140 1.95 -22.83 16.76
N THR B 141 1.12 -21.81 17.06
CA THR B 141 0.57 -21.67 18.41
C THR B 141 -0.22 -22.94 18.81
N ARG B 142 -1.05 -23.43 17.90
CA ARG B 142 -1.93 -24.55 18.14
C ARG B 142 -1.27 -25.93 17.94
N THR B 143 -0.44 -26.10 16.89
CA THR B 143 0.12 -27.42 16.59
C THR B 143 1.53 -27.66 17.15
N LEU B 144 2.26 -26.61 17.58
CA LEU B 144 3.60 -26.82 18.13
C LEU B 144 3.70 -26.35 19.59
N VAL B 145 3.33 -25.11 19.84
CA VAL B 145 3.42 -24.48 21.15
C VAL B 145 2.43 -25.12 22.14
N ALA B 146 1.16 -25.30 21.75
CA ALA B 146 0.14 -25.92 22.62
C ALA B 146 0.60 -27.32 23.11
N PRO B 147 1.01 -28.30 22.24
CA PRO B 147 1.45 -29.60 22.78
C PRO B 147 2.68 -29.50 23.68
N LEU B 148 3.63 -28.58 23.40
CA LEU B 148 4.81 -28.40 24.26
C LEU B 148 4.41 -27.91 25.66
N LEU B 149 3.49 -26.92 25.72
CA LEU B 149 3.01 -26.39 27.01
C LEU B 149 2.18 -27.42 27.76
N GLU B 150 1.52 -28.32 27.02
CA GLU B 150 0.67 -29.39 27.59
C GLU B 150 1.50 -30.62 28.05
N SER B 151 2.83 -30.62 27.79
CA SER B 151 3.72 -31.73 28.20
C SER B 151 3.79 -31.83 29.74
N GLY B 152 3.39 -30.77 30.43
CA GLY B 152 3.33 -30.71 31.89
C GLY B 152 1.99 -31.16 32.47
N GLY B 153 1.17 -31.83 31.65
CA GLY B 153 -0.11 -32.40 32.08
C GLY B 153 -1.37 -31.57 31.93
N LEU B 154 -1.24 -30.23 31.74
CA LEU B 154 -2.42 -29.37 31.62
C LEU B 154 -2.95 -29.32 30.17
N VAL B 155 -4.18 -28.80 29.97
CA VAL B 155 -4.82 -28.71 28.64
C VAL B 155 -5.09 -27.24 28.30
N HIS B 156 -4.66 -26.79 27.10
CA HIS B 156 -4.89 -25.40 26.68
C HIS B 156 -6.41 -25.15 26.53
N GLU B 157 -6.84 -23.89 26.73
CA GLU B 157 -8.23 -23.44 26.65
C GLU B 157 -9.07 -23.93 27.85
N ARG B 158 -8.90 -25.18 28.29
CA ARG B 158 -9.65 -25.66 29.43
C ARG B 158 -8.98 -25.22 30.75
N ASP B 159 -7.68 -25.54 30.93
CA ASP B 159 -6.95 -25.29 32.19
C ASP B 159 -6.18 -23.98 32.18
N PHE B 160 -5.69 -23.56 31.00
CA PHE B 160 -4.97 -22.29 30.86
C PHE B 160 -5.29 -21.66 29.53
N GLY B 161 -5.32 -20.33 29.52
CA GLY B 161 -5.54 -19.57 28.29
C GLY B 161 -4.32 -19.56 27.40
N LEU B 162 -4.55 -19.66 26.09
CA LEU B 162 -3.48 -19.61 25.10
C LEU B 162 -3.96 -18.78 23.91
N ALA B 163 -3.22 -17.72 23.60
CA ALA B 163 -3.56 -16.85 22.50
C ALA B 163 -2.32 -16.34 21.79
N PHE B 164 -2.46 -16.08 20.48
CA PHE B 164 -1.40 -15.43 19.70
C PHE B 164 -1.77 -13.96 19.48
N CYS B 165 -0.87 -13.06 19.90
CA CYS B 165 -1.06 -11.63 19.74
C CYS B 165 0.19 -11.08 19.03
N PRO B 166 0.09 -10.76 17.73
CA PRO B 166 1.30 -10.33 17.01
C PRO B 166 1.91 -9.05 17.56
N GLU B 167 3.23 -8.98 17.51
CA GLU B 167 3.98 -7.82 17.93
C GLU B 167 3.99 -6.83 16.78
N ARG B 168 3.56 -5.58 17.02
CA ARG B 168 3.55 -4.56 15.96
C ARG B 168 4.23 -3.26 16.44
N LEU B 169 5.29 -3.37 17.28
CA LEU B 169 5.99 -2.20 17.84
C LEU B 169 6.60 -1.29 16.75
N ALA B 170 6.46 0.05 16.92
CA ALA B 170 6.99 1.03 15.99
C ALA B 170 8.32 1.60 16.54
N GLU B 171 9.46 1.11 16.02
CA GLU B 171 10.81 1.50 16.46
C GLU B 171 11.00 3.03 16.48
N GLY B 172 11.68 3.52 17.51
CA GLY B 172 11.95 4.93 17.71
C GLY B 172 10.82 5.70 18.38
N VAL B 173 9.62 5.09 18.44
CA VAL B 173 8.43 5.69 19.04
C VAL B 173 7.61 4.57 19.77
N ALA B 174 8.24 3.38 19.95
CA ALA B 174 7.66 2.16 20.54
C ALA B 174 6.87 2.40 21.83
N LEU B 175 7.47 3.09 22.81
CA LEU B 175 6.81 3.33 24.10
C LEU B 175 5.54 4.17 23.94
N ALA B 176 5.55 5.14 23.01
CA ALA B 176 4.37 5.97 22.72
C ALA B 176 3.28 5.14 22.00
N GLN B 177 3.65 4.40 20.94
CA GLN B 177 2.73 3.60 20.12
C GLN B 177 2.11 2.41 20.89
N VAL B 178 2.92 1.70 21.72
CA VAL B 178 2.47 0.54 22.48
C VAL B 178 1.29 0.91 23.45
N ARG B 179 1.16 2.21 23.82
CA ARG B 179 0.11 2.68 24.74
C ARG B 179 -1.15 3.12 24.00
N THR B 180 -1.11 3.16 22.65
CA THR B 180 -2.29 3.59 21.89
C THR B 180 -2.70 2.56 20.83
N LEU B 181 -1.75 1.78 20.31
CA LEU B 181 -2.02 0.83 19.23
C LEU B 181 -2.90 -0.33 19.68
N PRO B 182 -3.99 -0.64 18.94
CA PRO B 182 -4.81 -1.80 19.32
C PRO B 182 -4.01 -3.10 19.15
N VAL B 183 -4.29 -4.08 20.01
CA VAL B 183 -3.62 -5.35 19.95
C VAL B 183 -4.51 -6.36 19.22
N VAL B 184 -3.93 -7.12 18.27
CA VAL B 184 -4.69 -8.16 17.58
C VAL B 184 -4.64 -9.41 18.46
N VAL B 185 -5.80 -10.02 18.75
CA VAL B 185 -5.88 -11.22 19.60
C VAL B 185 -6.49 -12.37 18.80
N GLY B 186 -5.77 -13.49 18.74
CA GLY B 186 -6.24 -14.73 18.15
C GLY B 186 -6.18 -15.82 19.21
N GLY B 187 -7.31 -16.07 19.87
CA GLY B 187 -7.40 -17.06 20.93
C GLY B 187 -7.47 -18.48 20.41
N CYS B 188 -7.00 -19.44 21.21
CA CYS B 188 -7.06 -20.85 20.83
C CYS B 188 -8.43 -21.45 21.23
N GLY B 189 -9.35 -20.59 21.61
CA GLY B 189 -10.72 -20.92 22.02
C GLY B 189 -11.41 -19.69 22.60
N PRO B 190 -12.75 -19.71 22.82
CA PRO B 190 -13.44 -18.50 23.35
C PRO B 190 -12.95 -18.04 24.72
N ARG B 191 -12.59 -18.99 25.59
CA ARG B 191 -12.11 -18.68 26.94
C ARG B 191 -10.77 -17.96 26.88
N SER B 192 -9.87 -18.46 26.03
CA SER B 192 -8.55 -17.85 25.82
C SER B 192 -8.70 -16.47 25.16
N ALA B 193 -9.63 -16.33 24.21
CA ALA B 193 -9.89 -15.07 23.50
C ALA B 193 -10.40 -13.98 24.47
N ALA B 194 -11.38 -14.33 25.33
CA ALA B 194 -11.95 -13.35 26.25
C ALA B 194 -10.91 -12.89 27.28
N ALA B 195 -10.09 -13.83 27.77
CA ALA B 195 -9.07 -13.55 28.78
C ALA B 195 -7.95 -12.69 28.19
N ALA B 196 -7.48 -13.02 26.97
CA ALA B 196 -6.42 -12.22 26.33
C ALA B 196 -6.91 -10.81 26.05
N GLU B 197 -8.19 -10.67 25.66
CA GLU B 197 -8.72 -9.33 25.43
C GLU B 197 -8.83 -8.55 26.77
N ARG B 198 -9.33 -9.19 27.83
CA ARG B 198 -9.43 -8.54 29.15
C ARG B 198 -8.04 -8.11 29.65
N PHE B 199 -7.01 -8.91 29.39
CA PHE B 199 -5.64 -8.62 29.78
C PHE B 199 -5.12 -7.34 29.08
N TRP B 200 -5.13 -7.27 27.74
CA TRP B 200 -4.60 -6.10 27.03
C TRP B 200 -5.37 -4.83 27.36
N ARG B 201 -6.70 -4.90 27.46
CA ARG B 201 -7.50 -3.72 27.80
C ARG B 201 -7.13 -3.19 29.19
N SER B 202 -7.00 -4.07 30.16
CA SER B 202 -6.74 -3.63 31.54
C SER B 202 -5.25 -3.36 31.80
N ALA B 203 -4.37 -4.32 31.47
CA ALA B 203 -2.94 -4.17 31.78
C ALA B 203 -2.25 -3.12 30.90
N LEU B 204 -2.67 -3.00 29.63
CA LEU B 204 -2.04 -2.07 28.71
C LEU B 204 -2.91 -0.82 28.42
N GLY B 205 -4.22 -0.95 28.56
CA GLY B 205 -5.15 0.16 28.32
C GLY B 205 -5.39 0.47 26.86
N VAL B 206 -5.26 -0.53 25.99
CA VAL B 206 -5.47 -0.32 24.56
C VAL B 206 -6.73 -1.07 24.09
N ASP B 207 -7.23 -0.73 22.90
CA ASP B 207 -8.31 -1.48 22.32
C ASP B 207 -7.79 -2.82 21.79
N VAL B 208 -8.69 -3.73 21.52
CA VAL B 208 -8.34 -5.05 21.03
C VAL B 208 -9.10 -5.34 19.76
N ARG B 209 -8.43 -6.00 18.83
CA ARG B 209 -9.01 -6.45 17.58
C ARG B 209 -8.99 -7.99 17.57
N GLN B 210 -10.15 -8.60 17.76
CA GLN B 210 -10.27 -10.05 17.80
C GLN B 210 -10.29 -10.64 16.41
N VAL B 211 -9.56 -11.73 16.22
CA VAL B 211 -9.63 -12.53 14.99
C VAL B 211 -10.00 -13.97 15.43
N PRO B 212 -10.68 -14.79 14.58
CA PRO B 212 -11.30 -16.03 15.11
C PRO B 212 -10.39 -17.19 15.51
N SER B 213 -9.08 -17.11 15.26
CA SER B 213 -8.16 -18.18 15.67
C SER B 213 -6.79 -17.63 15.87
N ALA B 214 -5.93 -18.40 16.52
CA ALA B 214 -4.54 -18.05 16.68
C ALA B 214 -3.88 -18.05 15.29
N GLU B 215 -4.30 -18.98 14.38
CA GLU B 215 -3.78 -19.04 13.01
C GLU B 215 -4.11 -17.76 12.26
N SER B 216 -5.34 -17.22 12.43
CA SER B 216 -5.69 -15.97 11.77
C SER B 216 -4.76 -14.83 12.24
N ALA B 217 -4.50 -14.74 13.55
CA ALA B 217 -3.60 -13.69 14.11
C ALA B 217 -2.16 -13.85 13.64
N GLU B 218 -1.71 -15.12 13.44
CA GLU B 218 -0.35 -15.42 12.92
C GLU B 218 -0.23 -14.92 11.48
N VAL B 219 -1.32 -15.10 10.69
CA VAL B 219 -1.38 -14.61 9.30
C VAL B 219 -1.44 -13.07 9.26
N VAL B 220 -2.09 -12.43 10.26
CA VAL B 220 -2.10 -10.95 10.32
C VAL B 220 -0.64 -10.42 10.35
N LYS B 221 0.22 -11.03 11.18
CA LYS B 221 1.61 -10.61 11.27
C LYS B 221 2.34 -10.82 9.93
N LEU B 222 2.21 -12.00 9.33
CA LEU B 222 2.88 -12.31 8.06
C LEU B 222 2.36 -11.43 6.93
N ALA B 223 1.03 -11.19 6.86
CA ALA B 223 0.41 -10.35 5.82
C ALA B 223 0.89 -8.89 5.95
N THR B 224 1.08 -8.41 7.19
CA THR B 224 1.56 -7.04 7.43
C THR B 224 3.00 -6.88 6.85
N ASN B 225 3.91 -7.81 7.20
CA ASN B 225 5.30 -7.76 6.70
C ASN B 225 5.37 -7.96 5.19
N TRP B 226 4.49 -8.81 4.65
CA TRP B 226 4.36 -9.04 3.20
C TRP B 226 3.92 -7.73 2.54
N TRP B 227 2.85 -7.08 3.06
CA TRP B 227 2.40 -5.79 2.53
C TRP B 227 3.52 -4.72 2.62
N ILE B 228 4.20 -4.62 3.76
CA ILE B 228 5.25 -3.60 3.88
C ILE B 228 6.38 -3.87 2.86
N ASP B 229 6.90 -5.11 2.82
CA ASP B 229 8.02 -5.45 1.93
C ASP B 229 7.68 -5.22 0.47
N ALA B 230 6.48 -5.64 0.05
CA ALA B 230 6.08 -5.50 -1.34
C ALA B 230 5.83 -4.02 -1.69
N ASN B 231 5.40 -3.21 -0.72
CA ASN B 231 5.17 -1.79 -0.98
C ASN B 231 6.49 -0.99 -1.00
N VAL B 232 7.48 -1.43 -0.22
CA VAL B 232 8.82 -0.82 -0.26
C VAL B 232 9.45 -1.14 -1.64
N ALA B 233 9.22 -2.36 -2.16
CA ALA B 233 9.71 -2.76 -3.48
C ALA B 233 9.13 -1.84 -4.58
N ILE B 234 7.82 -1.55 -4.54
CA ILE B 234 7.15 -0.64 -5.48
C ILE B 234 7.82 0.74 -5.39
N ALA B 235 7.99 1.28 -4.17
CA ALA B 235 8.59 2.59 -3.93
C ALA B 235 10.04 2.64 -4.44
N ASN B 236 10.80 1.56 -4.23
CA ASN B 236 12.20 1.48 -4.68
C ASN B 236 12.28 1.52 -6.20
N GLU B 237 11.40 0.75 -6.89
CA GLU B 237 11.32 0.75 -8.36
C GLU B 237 10.85 2.12 -8.86
N LEU B 238 9.83 2.72 -8.19
CA LEU B 238 9.35 4.07 -8.54
C LEU B 238 10.50 5.10 -8.46
N ALA B 239 11.34 5.01 -7.41
CA ALA B 239 12.47 5.94 -7.23
C ALA B 239 13.48 5.79 -8.38
N ARG B 240 13.74 4.55 -8.83
CA ARG B 240 14.69 4.33 -9.94
C ARG B 240 14.09 4.86 -11.26
N TYR B 241 12.76 4.79 -11.39
CA TYR B 241 12.06 5.30 -12.58
C TYR B 241 12.08 6.84 -12.58
N CYS B 242 11.77 7.46 -11.42
CA CYS B 242 11.82 8.91 -11.23
C CYS B 242 13.23 9.46 -11.52
N ALA B 243 14.28 8.73 -11.07
CA ALA B 243 15.68 9.17 -11.28
C ALA B 243 16.01 9.32 -12.78
N VAL B 244 15.54 8.38 -13.62
CA VAL B 244 15.81 8.43 -15.05
C VAL B 244 14.93 9.52 -15.76
N LEU B 245 13.87 10.03 -15.09
CA LEU B 245 13.01 11.10 -15.64
C LEU B 245 13.39 12.49 -15.11
N GLY B 246 14.26 12.55 -14.12
CA GLY B 246 14.65 13.81 -13.50
C GLY B 246 13.58 14.37 -12.57
N VAL B 247 12.72 13.51 -12.01
CA VAL B 247 11.67 13.98 -11.10
C VAL B 247 11.96 13.48 -9.67
N ASP B 248 11.51 14.23 -8.65
CA ASP B 248 11.72 13.88 -7.25
C ASP B 248 10.62 12.92 -6.82
N VAL B 249 11.02 11.71 -6.43
CA VAL B 249 10.10 10.64 -6.00
C VAL B 249 9.26 11.04 -4.77
N LEU B 250 9.83 11.84 -3.83
CA LEU B 250 9.08 12.21 -2.61
C LEU B 250 7.90 13.12 -2.92
N ASP B 251 8.04 14.03 -3.92
CA ASP B 251 6.91 14.89 -4.36
C ASP B 251 5.83 14.03 -5.03
N VAL B 252 6.26 13.05 -5.85
CA VAL B 252 5.35 12.12 -6.54
C VAL B 252 4.54 11.32 -5.49
N ILE B 253 5.24 10.71 -4.53
CA ILE B 253 4.63 9.91 -3.46
C ILE B 253 3.67 10.76 -2.63
N GLY B 254 4.10 11.95 -2.21
CA GLY B 254 3.27 12.86 -1.41
C GLY B 254 1.98 13.24 -2.10
N ALA B 255 2.05 13.50 -3.41
CA ALA B 255 0.86 13.85 -4.20
C ALA B 255 -0.01 12.63 -4.44
N ALA B 256 0.60 11.45 -4.73
CA ALA B 256 -0.17 10.22 -4.97
C ALA B 256 -0.96 9.78 -3.75
N ASN B 257 -0.39 10.01 -2.55
CA ASN B 257 -0.99 9.61 -1.29
C ASN B 257 -2.14 10.53 -0.82
N THR B 258 -2.54 11.52 -1.65
CA THR B 258 -3.70 12.40 -1.29
C THR B 258 -5.02 11.77 -1.78
N LEU B 259 -4.93 10.62 -2.47
CA LEU B 259 -6.12 9.98 -3.01
C LEU B 259 -6.70 8.96 -2.03
N PRO B 260 -7.96 9.15 -1.56
CA PRO B 260 -8.61 8.11 -0.75
C PRO B 260 -8.75 6.83 -1.57
N LYS B 261 -8.52 5.67 -0.96
CA LYS B 261 -8.54 4.37 -1.66
C LYS B 261 -8.50 3.27 -0.64
N GLY B 262 -9.23 2.20 -0.90
CA GLY B 262 -9.29 1.05 -0.02
C GLY B 262 -9.87 1.39 1.34
N SER B 263 -9.15 1.00 2.42
CA SER B 263 -9.58 1.27 3.79
C SER B 263 -9.14 2.66 4.29
N SER B 264 -8.23 3.33 3.55
CA SER B 264 -7.79 4.66 3.95
C SER B 264 -7.36 5.48 2.74
N MET B 265 -6.06 5.50 2.44
CA MET B 265 -5.53 6.31 1.35
C MET B 265 -4.60 5.51 0.49
N VAL B 266 -4.32 6.01 -0.73
CA VAL B 266 -3.22 5.45 -1.52
C VAL B 266 -2.01 5.59 -0.59
N ASN B 267 -1.20 4.55 -0.44
CA ASN B 267 -0.11 4.64 0.52
C ASN B 267 1.19 4.08 -0.04
N LEU B 268 1.82 4.84 -0.95
CA LEU B 268 3.14 4.53 -1.45
C LEU B 268 4.09 4.75 -0.33
N LEU B 269 4.87 3.74 0.02
CA LEU B 269 5.80 3.85 1.14
C LEU B 269 7.07 4.57 0.67
N LEU B 270 7.95 4.94 1.60
CA LEU B 270 9.17 5.66 1.24
C LEU B 270 10.20 4.67 0.72
N PRO B 271 10.99 5.04 -0.32
CA PRO B 271 12.06 4.17 -0.77
C PRO B 271 13.24 4.22 0.22
N GLY B 272 14.26 3.41 -0.02
CA GLY B 272 15.44 3.40 0.84
C GLY B 272 16.65 2.84 0.15
N VAL B 273 17.60 2.33 0.95
CA VAL B 273 18.85 1.74 0.48
C VAL B 273 18.74 0.20 0.53
N GLY B 274 17.54 -0.29 0.79
CA GLY B 274 17.28 -1.72 0.93
C GLY B 274 16.45 -2.04 2.16
N VAL B 275 16.28 -3.33 2.44
CA VAL B 275 15.45 -3.79 3.56
C VAL B 275 16.25 -4.72 4.48
N GLY B 276 16.10 -4.53 5.79
CA GLY B 276 16.76 -5.33 6.81
C GLY B 276 15.82 -5.82 7.89
N CYS B 279 12.27 -9.28 10.07
CA CYS B 279 10.84 -9.02 9.96
C CYS B 279 10.43 -8.85 8.48
N LEU B 280 11.18 -8.03 7.72
CA LEU B 280 10.83 -7.78 6.32
C LEU B 280 11.66 -8.63 5.35
N THR B 281 12.75 -9.27 5.82
CA THR B 281 13.61 -10.12 5.00
C THR B 281 13.38 -11.62 5.26
N LYS B 282 12.71 -11.96 6.38
CA LYS B 282 12.49 -13.36 6.75
C LYS B 282 11.00 -13.75 6.74
N ASP B 283 10.13 -12.94 7.36
CA ASP B 283 8.69 -13.23 7.47
C ASP B 283 7.99 -13.33 6.08
N PRO B 284 8.24 -12.44 5.07
CA PRO B 284 7.61 -12.67 3.75
C PRO B 284 8.04 -14.01 3.15
N TRP B 285 9.34 -14.40 3.30
CA TRP B 285 9.87 -15.69 2.82
C TRP B 285 9.25 -16.86 3.60
N MET B 286 8.99 -16.65 4.92
CA MET B 286 8.37 -17.64 5.80
C MET B 286 6.97 -18.01 5.26
N ALA B 287 6.21 -16.99 4.81
CA ALA B 287 4.89 -17.19 4.20
C ALA B 287 5.04 -17.88 2.84
N TRP B 288 6.09 -17.49 2.08
CA TRP B 288 6.39 -18.04 0.74
C TRP B 288 6.67 -19.54 0.83
N ARG B 289 7.51 -19.96 1.79
CA ARG B 289 7.87 -21.37 2.00
C ARG B 289 6.63 -22.17 2.45
N ASP B 290 5.81 -21.58 3.35
CA ASP B 290 4.58 -22.22 3.83
C ASP B 290 3.62 -22.43 2.66
N GLY B 291 3.49 -21.40 1.82
CA GLY B 291 2.68 -21.46 0.61
C GLY B 291 3.19 -22.50 -0.35
N ARG B 292 4.51 -22.50 -0.62
CA ARG B 292 5.15 -23.45 -1.54
C ARG B 292 4.88 -24.91 -1.12
N ASP B 293 5.00 -25.21 0.20
CA ASP B 293 4.75 -26.56 0.75
C ASP B 293 3.27 -26.96 0.60
N ARG B 294 2.39 -25.96 0.42
CA ARG B 294 0.94 -26.17 0.29
C ARG B 294 0.45 -25.99 -1.16
N GLY B 295 1.39 -25.78 -2.10
CA GLY B 295 1.10 -25.66 -3.52
C GLY B 295 0.63 -24.30 -3.99
N VAL B 296 1.01 -23.23 -3.26
CA VAL B 296 0.65 -21.85 -3.61
C VAL B 296 1.94 -21.04 -3.83
N SER B 297 2.08 -20.43 -5.02
CA SER B 297 3.25 -19.62 -5.35
C SER B 297 3.00 -18.14 -5.04
N LEU B 298 3.78 -17.56 -4.10
CA LEU B 298 3.64 -16.14 -3.76
C LEU B 298 4.63 -15.32 -4.59
N ARG B 299 4.24 -15.01 -5.85
CA ARG B 299 5.08 -14.27 -6.80
C ARG B 299 5.35 -12.84 -6.36
N THR B 300 4.37 -12.16 -5.70
CA THR B 300 4.59 -10.77 -5.25
C THR B 300 5.70 -10.74 -4.19
N VAL B 301 5.75 -11.77 -3.31
CA VAL B 301 6.84 -11.89 -2.30
C VAL B 301 8.19 -12.11 -3.00
N GLU B 302 8.27 -13.12 -3.93
CA GLU B 302 9.51 -13.44 -4.68
C GLU B 302 10.07 -12.19 -5.36
N THR B 303 9.20 -11.47 -6.07
CA THR B 303 9.62 -10.27 -6.80
C THR B 303 10.07 -9.18 -5.82
N ALA B 304 9.30 -8.94 -4.75
CA ALA B 304 9.62 -7.91 -3.77
C ALA B 304 10.99 -8.15 -3.14
N ARG B 305 11.30 -9.41 -2.80
CA ARG B 305 12.57 -9.75 -2.17
C ARG B 305 13.73 -9.52 -3.12
N ALA B 306 13.56 -9.90 -4.42
CA ALA B 306 14.57 -9.68 -5.47
C ALA B 306 14.81 -8.19 -5.68
N VAL B 307 13.73 -7.38 -5.74
CA VAL B 307 13.84 -5.93 -5.90
C VAL B 307 14.57 -5.30 -4.69
N ASN B 308 14.12 -5.59 -3.47
CA ASN B 308 14.72 -5.02 -2.26
C ASN B 308 16.17 -5.53 -2.03
N ASP B 309 16.48 -6.78 -2.44
CA ASP B 309 17.86 -7.32 -2.28
C ASP B 309 18.85 -6.66 -3.23
N ASP B 310 18.36 -6.11 -4.36
CA ASP B 310 19.23 -5.43 -5.32
C ASP B 310 19.54 -3.96 -4.92
N MET B 311 18.73 -3.36 -4.01
CA MET B 311 18.88 -1.94 -3.64
C MET B 311 20.27 -1.58 -3.02
N PRO B 312 20.89 -2.37 -2.11
CA PRO B 312 22.23 -1.96 -1.59
C PRO B 312 23.27 -1.80 -2.71
N ARG B 313 23.33 -2.75 -3.67
CA ARG B 313 24.27 -2.67 -4.80
C ARG B 313 23.94 -1.45 -5.67
N HIS B 314 22.63 -1.21 -5.93
CA HIS B 314 22.22 -0.04 -6.73
C HIS B 314 22.62 1.27 -6.03
N THR B 315 22.44 1.34 -4.70
CA THR B 315 22.80 2.51 -3.89
C THR B 315 24.28 2.84 -4.04
N ALA B 316 25.14 1.81 -3.97
CA ALA B 316 26.58 1.99 -4.11
C ALA B 316 26.93 2.48 -5.52
N ALA B 317 26.26 1.92 -6.53
CA ALA B 317 26.42 2.31 -7.93
C ALA B 317 26.06 3.79 -8.12
N VAL B 318 24.94 4.26 -7.51
CA VAL B 318 24.51 5.65 -7.61
C VAL B 318 25.52 6.58 -6.92
N ILE B 319 25.99 6.20 -5.72
CA ILE B 319 26.98 7.00 -4.98
C ILE B 319 28.23 7.20 -5.86
N ALA B 320 28.79 6.10 -6.42
CA ALA B 320 30.00 6.13 -7.24
C ALA B 320 29.80 6.95 -8.53
N ASP B 321 28.61 6.81 -9.15
CA ASP B 321 28.28 7.53 -10.38
C ASP B 321 28.22 9.05 -10.10
N GLU B 322 27.58 9.44 -8.97
CA GLU B 322 27.47 10.85 -8.57
C GLU B 322 28.82 11.44 -8.20
N LEU B 323 29.72 10.62 -7.61
CA LEU B 323 31.06 11.10 -7.27
C LEU B 323 31.87 11.34 -8.55
N VAL B 324 31.69 10.49 -9.59
CA VAL B 324 32.37 10.66 -10.89
C VAL B 324 31.89 11.98 -11.56
N LYS B 325 30.58 12.26 -11.47
CA LYS B 325 29.99 13.49 -12.02
C LYS B 325 30.56 14.74 -11.33
N LEU B 326 30.99 14.61 -10.06
CA LEU B 326 31.61 15.71 -9.30
C LEU B 326 33.13 15.80 -9.53
N GLY B 327 33.68 14.88 -10.33
CA GLY B 327 35.10 14.84 -10.64
C GLY B 327 35.92 14.19 -9.53
N ARG B 328 35.35 13.14 -8.90
CA ARG B 328 35.98 12.41 -7.81
C ARG B 328 36.17 10.93 -8.17
N ASP B 329 37.12 10.25 -7.48
CA ASP B 329 37.40 8.83 -7.72
C ASP B 329 37.86 8.11 -6.42
N ARG B 330 38.07 6.79 -6.51
CA ARG B 330 38.49 5.92 -5.40
C ARG B 330 39.88 6.30 -4.86
N ASN B 331 40.69 6.99 -5.69
CA ASN B 331 42.04 7.42 -5.31
C ASN B 331 42.03 8.72 -4.47
N ASP B 332 40.95 9.55 -4.57
CA ASP B 332 40.92 10.83 -3.86
C ASP B 332 39.68 11.01 -2.94
N THR B 333 38.88 9.96 -2.71
CA THR B 333 37.67 10.16 -1.89
C THR B 333 37.52 9.14 -0.80
N THR B 334 37.23 9.64 0.40
CA THR B 334 36.85 8.85 1.54
C THR B 334 35.36 9.08 1.73
N ILE B 335 34.58 7.99 1.86
CA ILE B 335 33.14 8.09 2.04
C ILE B 335 32.83 7.88 3.51
N ALA B 336 32.12 8.83 4.11
CA ALA B 336 31.67 8.68 5.49
C ALA B 336 30.24 8.15 5.51
N VAL B 337 30.08 6.89 5.91
CA VAL B 337 28.77 6.27 6.02
C VAL B 337 28.21 6.66 7.38
N LEU B 338 27.13 7.42 7.37
CA LEU B 338 26.53 7.90 8.60
C LEU B 338 25.21 7.18 8.82
N GLY B 339 25.23 6.29 9.81
CA GLY B 339 24.09 5.45 10.13
C GLY B 339 24.28 4.08 9.52
N ALA B 340 24.31 3.06 10.35
CA ALA B 340 24.55 1.69 9.90
C ALA B 340 23.36 0.78 10.20
N ALA B 341 22.49 1.16 11.15
CA ALA B 341 21.36 0.32 11.58
C ALA B 341 20.39 0.01 10.43
N PHE B 342 19.71 -1.16 10.52
CA PHE B 342 18.73 -1.59 9.52
C PHE B 342 17.53 -0.65 9.47
N LYS B 343 17.12 -0.11 10.63
CA LYS B 343 15.97 0.79 10.76
C LYS B 343 16.38 2.09 11.42
N ASN B 344 15.71 3.21 11.07
CA ASN B 344 15.98 4.52 11.65
C ASN B 344 15.62 4.50 13.13
N ASP B 345 16.42 5.20 13.96
CA ASP B 345 16.22 5.35 15.43
C ASP B 345 16.35 4.02 16.19
N THR B 346 17.20 3.11 15.67
CA THR B 346 17.59 1.84 16.29
C THR B 346 19.10 1.75 16.17
N GLY B 347 19.72 0.84 16.93
CA GLY B 347 21.16 0.64 16.85
C GLY B 347 21.54 -0.73 16.33
N ASP B 348 20.54 -1.55 15.98
CA ASP B 348 20.74 -2.93 15.54
C ASP B 348 21.32 -3.02 14.11
N VAL B 349 22.47 -3.68 13.96
CA VAL B 349 23.14 -3.83 12.66
C VAL B 349 23.23 -5.31 12.20
N ARG B 350 22.61 -6.24 12.94
CA ARG B 350 22.67 -7.69 12.68
C ARG B 350 22.25 -8.08 11.24
N ASN B 351 21.21 -7.43 10.71
CA ASN B 351 20.72 -7.69 9.35
C ASN B 351 20.40 -6.34 8.70
N THR B 352 21.45 -5.57 8.39
CA THR B 352 21.28 -4.24 7.82
C THR B 352 21.68 -4.21 6.33
N PRO B 353 20.88 -3.53 5.46
CA PRO B 353 21.27 -3.41 4.04
C PRO B 353 22.50 -2.50 3.87
N VAL B 354 22.82 -1.71 4.90
CA VAL B 354 24.00 -0.83 4.90
C VAL B 354 25.28 -1.68 4.72
N ARG B 355 25.27 -2.93 5.26
CA ARG B 355 26.37 -3.89 5.11
C ARG B 355 26.62 -4.15 3.62
N GLY B 356 25.52 -4.28 2.86
CA GLY B 356 25.57 -4.51 1.41
C GLY B 356 26.09 -3.30 0.65
N VAL B 357 25.73 -2.08 1.10
CA VAL B 357 26.20 -0.84 0.46
C VAL B 357 27.71 -0.70 0.68
N VAL B 358 28.14 -0.82 1.94
CA VAL B 358 29.56 -0.68 2.32
C VAL B 358 30.38 -1.73 1.58
N ALA B 359 29.94 -3.01 1.59
CA ALA B 359 30.66 -4.09 0.89
C ALA B 359 30.79 -3.78 -0.60
N ALA B 360 29.71 -3.27 -1.24
CA ALA B 360 29.75 -2.92 -2.66
C ALA B 360 30.67 -1.70 -2.92
N LEU B 361 30.69 -0.72 -2.00
CA LEU B 361 31.57 0.46 -2.11
C LEU B 361 33.05 0.03 -1.97
N ARG B 362 33.34 -0.86 -1.01
CA ARG B 362 34.69 -1.41 -0.79
C ARG B 362 35.09 -2.40 -1.90
N ASP B 363 34.18 -3.30 -2.32
CA ASP B 363 34.38 -4.29 -3.41
C ASP B 363 34.82 -3.59 -4.70
N SER B 364 34.36 -2.33 -4.92
CA SER B 364 34.72 -1.54 -6.10
C SER B 364 36.07 -0.83 -5.88
N GLY B 365 36.39 -0.48 -4.62
CA GLY B 365 37.67 0.12 -4.26
C GLY B 365 37.67 1.44 -3.49
N PHE B 366 36.51 1.86 -2.96
CA PHE B 366 36.42 3.12 -2.21
C PHE B 366 36.81 2.99 -0.74
N ARG B 367 37.46 4.03 -0.18
N ARG B 367 37.46 4.03 -0.18
CA ARG B 367 37.78 4.09 1.24
CA ARG B 367 37.79 4.11 1.24
C ARG B 367 36.51 4.50 1.98
C ARG B 367 36.51 4.50 1.99
N VAL B 368 36.05 3.65 2.93
CA VAL B 368 34.80 3.91 3.66
C VAL B 368 35.07 3.98 5.15
N ARG B 369 34.52 5.02 5.81
CA ARG B 369 34.50 5.19 7.27
C ARG B 369 33.05 5.00 7.72
N ILE B 370 32.81 4.28 8.82
CA ILE B 370 31.44 4.05 9.31
C ILE B 370 31.23 4.73 10.66
N PHE B 371 30.07 5.42 10.85
CA PHE B 371 29.71 5.99 12.14
C PHE B 371 28.20 5.91 12.37
N ASP B 372 27.81 5.31 13.50
CA ASP B 372 26.41 5.26 13.92
C ASP B 372 26.38 5.51 15.44
N PRO B 373 25.76 6.63 15.89
CA PRO B 373 25.78 6.96 17.33
C PRO B 373 24.91 6.05 18.20
N LEU B 374 24.04 5.24 17.58
CA LEU B 374 23.16 4.35 18.33
C LEU B 374 23.68 2.91 18.37
N ALA B 375 24.60 2.56 17.44
CA ALA B 375 25.10 1.19 17.34
C ALA B 375 26.27 0.92 18.31
N ASP B 376 26.47 -0.37 18.62
CA ASP B 376 27.55 -0.86 19.48
C ASP B 376 28.80 -1.03 18.61
N PRO B 377 29.96 -0.42 18.98
CA PRO B 377 31.17 -0.53 18.14
C PRO B 377 31.62 -1.96 17.90
N ALA B 378 31.46 -2.86 18.90
CA ALA B 378 31.83 -4.27 18.73
C ALA B 378 30.91 -4.96 17.72
N GLU B 379 29.63 -4.52 17.63
CA GLU B 379 28.67 -5.09 16.67
C GLU B 379 28.99 -4.60 15.23
N ILE B 380 29.51 -3.37 15.11
CA ILE B 380 29.93 -2.84 13.80
C ILE B 380 31.15 -3.64 13.34
N VAL B 381 32.12 -3.91 14.26
CA VAL B 381 33.29 -4.77 13.95
C VAL B 381 32.80 -6.14 13.44
N ALA B 382 31.89 -6.78 14.18
CA ALA B 382 31.37 -8.10 13.85
C ALA B 382 30.71 -8.14 12.45
N ARG B 383 29.90 -7.12 12.14
CA ARG B 383 29.11 -7.11 10.90
C ARG B 383 29.81 -6.46 9.71
N PHE B 384 30.62 -5.41 9.95
CA PHE B 384 31.30 -4.70 8.85
C PHE B 384 32.77 -5.11 8.71
N GLY B 385 33.34 -5.69 9.76
CA GLY B 385 34.72 -6.20 9.73
C GLY B 385 35.74 -5.15 10.10
N THR B 386 35.28 -3.92 10.38
CA THR B 386 36.16 -2.80 10.73
C THR B 386 35.59 -2.02 11.90
N ALA B 387 36.46 -1.42 12.72
CA ALA B 387 35.97 -0.58 13.82
C ALA B 387 35.32 0.69 13.25
N PRO B 388 34.24 1.22 13.85
CA PRO B 388 33.67 2.46 13.33
C PRO B 388 34.58 3.65 13.65
N ALA B 389 34.27 4.83 13.11
CA ALA B 389 34.98 6.06 13.47
C ALA B 389 34.67 6.38 14.94
N ALA B 390 35.63 7.01 15.65
CA ALA B 390 35.47 7.32 17.08
C ALA B 390 34.31 8.25 17.38
N SER B 391 33.90 9.06 16.39
CA SER B 391 32.87 10.08 16.57
C SER B 391 32.39 10.57 15.21
N LEU B 392 31.32 11.38 15.20
CA LEU B 392 30.85 11.99 13.95
C LEU B 392 31.93 12.89 13.36
N ASP B 393 32.58 13.72 14.19
CA ASP B 393 33.62 14.64 13.70
C ASP B 393 34.77 13.88 13.02
N GLU B 394 35.19 12.75 13.61
CA GLU B 394 36.26 11.96 13.03
C GLU B 394 35.83 11.37 11.68
N ALA B 395 34.57 10.88 11.59
CA ALA B 395 34.04 10.30 10.35
C ALA B 395 33.98 11.31 9.21
N VAL B 396 33.49 12.54 9.49
CA VAL B 396 33.27 13.53 8.42
C VAL B 396 34.52 14.37 8.09
N SER B 397 35.52 14.45 9.00
CA SER B 397 36.71 15.29 8.76
C SER B 397 37.51 14.79 7.56
N GLY B 398 37.58 15.62 6.52
CA GLY B 398 38.27 15.29 5.27
C GLY B 398 37.51 14.34 4.35
N ALA B 399 36.23 14.02 4.68
CA ALA B 399 35.41 13.12 3.87
C ALA B 399 34.95 13.84 2.60
N GLY B 400 34.86 13.09 1.50
CA GLY B 400 34.43 13.61 0.20
C GLY B 400 32.98 13.30 -0.10
N CYS B 401 32.36 12.47 0.75
CA CYS B 401 30.96 12.07 0.65
C CYS B 401 30.41 11.74 2.02
N LEU B 402 29.23 12.29 2.35
CA LEU B 402 28.51 11.96 3.58
C LEU B 402 27.29 11.17 3.15
N ALA B 403 27.32 9.86 3.34
CA ALA B 403 26.24 8.99 2.92
C ALA B 403 25.37 8.66 4.12
N PHE B 404 24.19 9.27 4.18
CA PHE B 404 23.25 9.07 5.28
C PHE B 404 22.39 7.85 4.97
N LEU B 405 22.85 6.67 5.41
CA LEU B 405 22.22 5.39 5.08
C LEU B 405 21.26 4.90 6.18
N ALA B 406 21.08 5.70 7.23
CA ALA B 406 20.09 5.51 8.31
C ALA B 406 19.76 6.89 8.83
N GLY B 407 18.47 7.25 8.77
CA GLY B 407 18.01 8.58 9.11
C GLY B 407 17.70 8.81 10.58
N HIS B 408 18.68 8.60 11.47
CA HIS B 408 18.51 8.82 12.92
C HIS B 408 18.20 10.29 13.22
N ARG B 409 17.36 10.53 14.24
CA ARG B 409 16.90 11.85 14.66
C ARG B 409 18.04 12.83 14.97
N GLN B 410 19.16 12.36 15.52
CA GLN B 410 20.29 13.24 15.82
C GLN B 410 21.04 13.69 14.56
N PHE B 411 20.83 13.00 13.41
CA PHE B 411 21.44 13.41 12.14
C PHE B 411 20.68 14.62 11.57
N HIS B 412 19.37 14.71 11.88
CA HIS B 412 18.50 15.80 11.48
C HIS B 412 18.81 17.07 12.27
N GLU B 413 19.39 16.92 13.46
CA GLU B 413 19.72 18.03 14.36
C GLU B 413 21.14 18.54 14.13
N LEU B 414 21.86 17.95 13.14
CA LEU B 414 23.22 18.36 12.79
C LEU B 414 23.27 19.75 12.15
N ASP B 415 24.39 20.47 12.39
CA ASP B 415 24.68 21.78 11.84
C ASP B 415 25.50 21.60 10.58
N PHE B 416 24.86 21.73 9.40
CA PHE B 416 25.56 21.51 8.14
C PHE B 416 26.55 22.64 7.81
N GLY B 417 26.36 23.82 8.42
CA GLY B 417 27.30 24.94 8.29
C GLY B 417 28.62 24.59 8.94
N ALA B 418 28.56 23.96 10.14
CA ALA B 418 29.73 23.46 10.86
C ALA B 418 30.33 22.24 10.12
N LEU B 419 29.48 21.37 9.53
CA LEU B 419 29.96 20.20 8.77
C LEU B 419 30.72 20.64 7.51
N ALA B 420 30.24 21.70 6.83
CA ALA B 420 30.87 22.29 5.63
C ALA B 420 32.34 22.65 5.85
N GLU B 421 32.74 22.96 7.09
CA GLU B 421 34.12 23.36 7.43
C GLU B 421 35.02 22.15 7.69
N ARG B 422 34.44 20.95 7.89
CA ARG B 422 35.20 19.73 8.21
C ARG B 422 35.47 18.85 6.99
N VAL B 423 34.52 18.83 6.06
CA VAL B 423 34.56 17.95 4.88
C VAL B 423 35.56 18.46 3.81
N ASP B 424 35.87 17.60 2.83
CA ASP B 424 36.75 17.93 1.71
C ASP B 424 35.89 18.35 0.52
N GLU B 425 36.04 19.62 0.07
CA GLU B 425 35.26 20.19 -1.04
C GLU B 425 35.81 19.69 -2.41
N PRO B 426 34.94 19.30 -3.37
CA PRO B 426 33.47 19.23 -3.30
C PRO B 426 32.99 17.96 -2.58
N CYS B 427 32.03 18.13 -1.65
CA CYS B 427 31.52 17.01 -0.88
C CYS B 427 30.10 16.70 -1.28
N LEU B 428 29.82 15.42 -1.44
CA LEU B 428 28.48 14.97 -1.79
C LEU B 428 27.73 14.50 -0.56
N VAL B 429 26.52 14.99 -0.38
CA VAL B 429 25.64 14.46 0.64
C VAL B 429 24.71 13.47 -0.06
N PHE B 430 24.86 12.17 0.21
CA PHE B 430 23.95 11.19 -0.40
C PHE B 430 22.88 10.85 0.63
N ASP B 431 21.62 11.10 0.27
CA ASP B 431 20.47 10.89 1.14
C ASP B 431 19.85 9.53 0.89
N GLY B 432 20.21 8.57 1.72
CA GLY B 432 19.67 7.22 1.65
C GLY B 432 18.38 7.10 2.41
N ARG B 433 18.38 7.46 3.71
CA ARG B 433 17.21 7.33 4.59
C ARG B 433 16.90 8.60 5.42
N MET B 434 17.46 9.74 5.05
CA MET B 434 17.15 10.99 5.76
C MET B 434 15.85 11.59 5.23
N HIS B 435 15.62 11.44 3.89
CA HIS B 435 14.44 11.97 3.17
C HIS B 435 14.24 13.44 3.52
N LEU B 436 15.31 14.23 3.34
CA LEU B 436 15.31 15.65 3.68
C LEU B 436 14.27 16.45 2.89
N PRO B 437 13.58 17.42 3.55
CA PRO B 437 12.62 18.27 2.83
C PRO B 437 13.34 19.28 1.91
N PRO B 438 12.66 19.85 0.87
CA PRO B 438 13.35 20.81 -0.02
C PRO B 438 14.06 21.96 0.71
N ALA B 439 13.49 22.45 1.83
CA ALA B 439 14.06 23.56 2.61
C ALA B 439 15.44 23.21 3.20
N ARG B 440 15.65 21.93 3.59
CA ARG B 440 16.94 21.48 4.13
C ARG B 440 17.96 21.26 3.02
N ILE B 441 17.52 20.76 1.85
CA ILE B 441 18.39 20.54 0.67
C ILE B 441 19.01 21.89 0.21
N ARG B 442 18.21 22.98 0.25
CA ARG B 442 18.66 24.34 -0.11
C ARG B 442 19.79 24.79 0.83
N GLU B 443 19.67 24.43 2.13
CA GLU B 443 20.68 24.75 3.15
C GLU B 443 22.01 24.09 2.83
N LEU B 444 21.98 22.78 2.42
CA LEU B 444 23.18 22.03 2.05
C LEU B 444 23.90 22.69 0.86
N HIS B 445 23.12 23.04 -0.20
CA HIS B 445 23.64 23.67 -1.42
C HIS B 445 24.30 25.02 -1.09
N ARG B 446 23.67 25.80 -0.19
CA ARG B 446 24.16 27.10 0.28
C ARG B 446 25.55 26.97 0.92
N PHE B 447 25.83 25.85 1.63
CA PHE B 447 27.13 25.63 2.29
C PHE B 447 28.15 24.94 1.36
N GLY B 448 27.78 24.74 0.09
CA GLY B 448 28.65 24.16 -0.92
C GLY B 448 28.55 22.66 -1.14
N PHE B 449 27.59 22.00 -0.47
CA PHE B 449 27.41 20.56 -0.63
C PHE B 449 26.68 20.21 -1.92
N ALA B 450 27.05 19.08 -2.55
CA ALA B 450 26.28 18.51 -3.65
C ALA B 450 25.30 17.54 -3.01
N TYR B 451 24.09 17.44 -3.55
CA TYR B 451 23.08 16.58 -2.95
C TYR B 451 22.51 15.62 -3.94
N ARG B 452 22.39 14.36 -3.55
CA ARG B 452 21.76 13.33 -4.35
C ARG B 452 21.12 12.25 -3.48
N GLY B 453 20.00 11.75 -3.94
CA GLY B 453 19.27 10.64 -3.35
C GLY B 453 18.80 9.76 -4.50
N ILE B 454 18.26 8.56 -4.20
N ILE B 454 18.25 8.58 -4.19
CA ILE B 454 17.76 7.71 -5.29
CA ILE B 454 17.73 7.72 -5.25
C ILE B 454 16.36 8.22 -5.67
C ILE B 454 16.35 8.25 -5.65
N GLY B 455 16.28 8.81 -6.84
CA GLY B 455 15.05 9.40 -7.35
C GLY B 455 14.85 10.79 -6.81
N ARG B 456 15.94 11.44 -6.35
CA ARG B 456 15.90 12.81 -5.82
C ARG B 456 17.03 13.65 -6.40
#